data_5D6Y
#
_entry.id   5D6Y
#
_cell.length_a   106.159
_cell.length_b   106.159
_cell.length_c   79.206
_cell.angle_alpha   90.000
_cell.angle_beta   90.000
_cell.angle_gamma   120.000
#
_symmetry.space_group_name_H-M   'P 32'
#
loop_
_entity.id
_entity.type
_entity.pdbx_description
1 polymer 'Lysine-specific demethylase 4A'
2 polymer 'peptide H3K23me3 (19-28)'
3 water water
#
loop_
_entity_poly.entity_id
_entity_poly.type
_entity_poly.pdbx_seq_one_letter_code
_entity_poly.pdbx_strand_id
1 'polypeptide(L)'
;GSHMALQSITAGQKVISKHKNGRFYQCEVVRLTTETFYEVNFDDGSFSDNLYPEDIVSQDCLQFGPPAEGEVVQVRWTDG
QVYGAKFVASHPIQMYQVEFEDGSQLVVKRDDVYTLDEELP
;
A,B,C,D,E,F
2 'polypeptide(L)' QLAT(M3L)AARKS a,b,c,d
#
# COMPACT_ATOMS: atom_id res chain seq x y z
N SER A 8 -5.32 4.00 -28.81
CA SER A 8 -4.36 4.58 -27.89
C SER A 8 -2.91 4.06 -28.06
N ILE A 9 -2.10 4.26 -27.01
CA ILE A 9 -0.64 4.13 -27.08
C ILE A 9 -0.06 3.03 -26.19
N THR A 10 0.87 2.26 -26.75
CA THR A 10 1.67 1.31 -25.99
C THR A 10 3.12 1.76 -26.01
N ALA A 11 3.99 1.03 -25.31
CA ALA A 11 5.42 1.41 -25.21
C ALA A 11 6.22 1.02 -26.43
N GLY A 12 7.25 1.80 -26.76
CA GLY A 12 8.07 1.55 -27.94
C GLY A 12 7.54 2.24 -29.20
N GLN A 13 6.30 2.73 -29.10
CA GLN A 13 5.62 3.39 -30.21
C GLN A 13 6.21 4.76 -30.57
N LYS A 14 6.22 5.07 -31.85
CA LYS A 14 6.65 6.39 -32.32
C LYS A 14 5.46 7.30 -32.47
N VAL A 15 5.52 8.44 -31.78
CA VAL A 15 4.42 9.39 -31.73
C VAL A 15 4.86 10.84 -32.05
N ILE A 16 3.93 11.77 -32.08
CA ILE A 16 4.29 13.16 -32.22
C ILE A 16 3.98 13.92 -30.93
N SER A 17 4.92 14.69 -30.42
CA SER A 17 4.66 15.49 -29.24
C SER A 17 5.43 16.81 -29.30
N LYS A 18 5.08 17.74 -28.43
CA LYS A 18 5.75 19.04 -28.45
C LYS A 18 7.07 19.01 -27.69
N HIS A 19 8.11 19.57 -28.31
CA HIS A 19 9.42 19.61 -27.70
C HIS A 19 9.48 20.79 -26.75
N LYS A 20 10.53 20.84 -25.96
CA LYS A 20 10.72 21.96 -25.05
C LYS A 20 10.93 23.25 -25.84
N ASN A 21 11.48 23.14 -27.05
CA ASN A 21 11.70 24.32 -27.89
C ASN A 21 10.40 24.90 -28.50
N GLY A 22 9.29 24.24 -28.26
CA GLY A 22 7.98 24.70 -28.73
C GLY A 22 7.44 24.02 -29.99
N ARG A 23 8.32 23.38 -30.77
CA ARG A 23 7.93 22.76 -32.04
C ARG A 23 7.54 21.27 -31.88
N PHE A 24 6.76 20.74 -32.82
CA PHE A 24 6.43 19.31 -32.81
C PHE A 24 7.51 18.47 -33.44
N TYR A 25 7.74 17.29 -32.88
CA TYR A 25 8.74 16.37 -33.42
C TYR A 25 8.23 14.98 -33.20
N GLN A 26 8.67 14.06 -34.04
CA GLN A 26 8.51 12.65 -33.78
C GLN A 26 9.36 12.30 -32.57
N CYS A 27 8.82 11.47 -31.70
CA CYS A 27 9.53 11.05 -30.49
C CYS A 27 9.04 9.66 -30.17
N GLU A 28 9.78 8.95 -29.32
CA GLU A 28 9.38 7.59 -29.01
C GLU A 28 8.82 7.49 -27.57
N VAL A 29 7.86 6.58 -27.37
CA VAL A 29 7.27 6.36 -26.07
C VAL A 29 8.08 5.32 -25.33
N VAL A 30 8.78 5.73 -24.28
CA VAL A 30 9.64 4.78 -23.60
C VAL A 30 9.01 4.15 -22.37
N ARG A 31 8.14 4.85 -21.67
CA ARG A 31 7.58 4.29 -20.44
C ARG A 31 6.11 4.69 -20.29
N LEU A 32 5.29 3.79 -19.82
CA LEU A 32 3.97 4.18 -19.41
C LEU A 32 3.92 4.14 -17.90
N THR A 33 3.55 5.24 -17.30
CA THR A 33 3.25 5.26 -15.86
C THR A 33 1.80 5.70 -15.62
N THR A 34 1.16 5.12 -14.61
CA THR A 34 -0.10 5.66 -14.12
C THR A 34 0.20 6.54 -12.91
N GLU A 35 -0.13 7.81 -13.03
CA GLU A 35 0.21 8.73 -11.96
C GLU A 35 -1.03 9.37 -11.38
N THR A 36 -1.10 9.42 -10.04
CA THR A 36 -2.29 9.92 -9.34
C THR A 36 -2.14 11.39 -8.94
N PHE A 37 -3.09 12.17 -9.41
CA PHE A 37 -3.20 13.60 -9.17
C PHE A 37 -4.48 13.84 -8.37
N TYR A 38 -4.47 14.79 -7.44
CA TYR A 38 -5.70 15.13 -6.70
C TYR A 38 -6.33 16.39 -7.28
N GLU A 39 -7.65 16.42 -7.21
CA GLU A 39 -8.42 17.57 -7.59
C GLU A 39 -9.14 18.13 -6.38
N VAL A 40 -9.06 19.46 -6.21
CA VAL A 40 -9.70 20.16 -5.10
C VAL A 40 -10.40 21.47 -5.56
N ASN A 41 -11.46 21.84 -4.86
CA ASN A 41 -12.14 23.11 -5.04
C ASN A 41 -11.75 24.05 -3.91
N PHE A 42 -10.96 25.07 -4.21
CA PHE A 42 -10.55 26.01 -3.16
C PHE A 42 -11.76 26.86 -2.77
N ASP A 43 -11.72 27.47 -1.58
CA ASP A 43 -12.82 28.29 -1.05
C ASP A 43 -13.09 29.56 -1.86
N ASP A 44 -12.16 29.95 -2.70
CA ASP A 44 -12.31 31.16 -3.47
C ASP A 44 -12.99 30.87 -4.80
N GLY A 45 -13.42 29.64 -5.01
CA GLY A 45 -14.12 29.33 -6.23
C GLY A 45 -13.26 28.82 -7.37
N SER A 46 -11.95 28.72 -7.12
CA SER A 46 -11.03 28.18 -8.11
C SER A 46 -10.86 26.68 -7.87
N PHE A 47 -10.16 26.02 -8.77
CA PHE A 47 -9.92 24.58 -8.61
C PHE A 47 -8.57 24.19 -9.20
N SER A 48 -8.01 23.09 -8.68
CA SER A 48 -6.80 22.49 -9.25
C SER A 48 -7.04 21.00 -9.38
N ASP A 49 -6.69 20.42 -10.52
CA ASP A 49 -6.86 18.97 -10.70
C ASP A 49 -5.53 18.28 -10.88
N ASN A 50 -4.44 19.01 -10.59
CA ASN A 50 -3.16 18.38 -10.83
C ASN A 50 -2.28 18.51 -9.60
N LEU A 51 -2.89 18.39 -8.43
CA LEU A 51 -2.16 18.41 -7.18
C LEU A 51 -1.50 17.07 -6.84
N TYR A 52 -0.34 17.14 -6.19
CA TYR A 52 0.28 15.95 -5.64
C TYR A 52 -0.47 15.56 -4.39
N PRO A 53 -0.54 14.26 -4.09
CA PRO A 53 -1.22 13.90 -2.86
C PRO A 53 -0.57 14.53 -1.62
N GLU A 54 0.74 14.77 -1.63
CA GLU A 54 1.37 15.24 -0.42
C GLU A 54 1.21 16.75 -0.25
N ASP A 55 0.55 17.39 -1.22
CA ASP A 55 0.19 18.80 -1.06
C ASP A 55 -1.04 18.92 -0.12
N ILE A 56 -1.67 17.80 0.26
CA ILE A 56 -2.70 17.77 1.33
C ILE A 56 -2.03 17.71 2.73
N VAL A 57 -2.17 18.77 3.51
CA VAL A 57 -1.49 18.87 4.80
C VAL A 57 -2.35 18.55 6.04
N SER A 58 -3.68 18.46 5.85
CA SER A 58 -4.61 18.13 6.92
C SER A 58 -4.85 16.62 7.16
N GLN A 59 -4.22 15.78 6.34
CA GLN A 59 -4.19 14.32 6.51
C GLN A 59 -3.02 13.73 5.73
N ASP A 60 -2.59 12.51 6.10
CA ASP A 60 -1.43 11.81 5.50
C ASP A 60 -1.87 10.87 4.34
N CYS A 61 -2.00 11.43 3.14
CA CYS A 61 -2.54 10.69 2.02
C CYS A 61 -1.61 9.63 1.39
N LEU A 62 -0.31 9.83 1.46
CA LEU A 62 0.57 8.79 0.92
C LEU A 62 0.38 7.53 1.71
N GLN A 63 0.22 7.68 3.02
CA GLN A 63 0.08 6.52 3.88
C GLN A 63 -1.34 5.96 3.94
N PHE A 64 -2.37 6.82 3.97
CA PHE A 64 -3.77 6.38 4.23
C PHE A 64 -4.74 6.66 3.08
N GLY A 65 -4.21 7.05 1.94
CA GLY A 65 -5.07 7.27 0.79
C GLY A 65 -5.79 8.62 0.74
N PRO A 66 -6.62 8.82 -0.28
CA PRO A 66 -7.22 10.13 -0.54
C PRO A 66 -8.29 10.49 0.49
N PRO A 67 -8.53 11.79 0.73
CA PRO A 67 -9.68 12.18 1.54
C PRO A 67 -10.95 11.68 0.86
N ALA A 68 -12.06 11.57 1.58
CA ALA A 68 -13.29 11.21 0.88
C ALA A 68 -13.67 12.36 -0.04
N GLU A 69 -14.40 12.02 -1.07
CA GLU A 69 -14.93 13.02 -1.98
C GLU A 69 -15.88 14.01 -1.24
N GLY A 70 -15.67 15.31 -1.45
CA GLY A 70 -16.46 16.35 -0.78
C GLY A 70 -15.99 16.70 0.63
N GLU A 71 -14.88 16.11 1.07
CA GLU A 71 -14.35 16.38 2.40
C GLU A 71 -13.57 17.67 2.44
N VAL A 72 -13.73 18.41 3.52
CA VAL A 72 -12.95 19.61 3.78
C VAL A 72 -11.48 19.25 4.06
N VAL A 73 -10.58 19.89 3.33
CA VAL A 73 -9.12 19.71 3.45
C VAL A 73 -8.37 21.04 3.49
N GLN A 74 -7.14 21.01 4.00
CA GLN A 74 -6.26 22.17 3.89
C GLN A 74 -5.12 21.75 2.94
N VAL A 75 -4.81 22.58 1.96
CA VAL A 75 -3.86 22.30 0.89
C VAL A 75 -2.67 23.23 0.92
N ARG A 76 -1.45 22.71 0.94
CA ARG A 76 -0.27 23.57 0.80
C ARG A 76 -0.06 23.87 -0.67
N TRP A 77 -0.13 25.13 -1.04
CA TRP A 77 -0.04 25.48 -2.45
C TRP A 77 1.42 25.68 -2.93
N THR A 78 1.62 26.19 -4.12
CA THR A 78 2.98 26.28 -4.68
C THR A 78 3.72 27.56 -4.22
N ASP A 79 3.06 28.37 -3.40
CA ASP A 79 3.74 29.49 -2.77
C ASP A 79 4.02 29.18 -1.31
N GLY A 80 3.93 27.92 -0.91
CA GLY A 80 4.16 27.55 0.49
C GLY A 80 2.96 27.72 1.43
N GLN A 81 2.00 28.56 1.05
CA GLN A 81 0.90 28.93 1.96
C GLN A 81 -0.27 27.96 1.87
N VAL A 82 -0.93 27.74 3.01
CA VAL A 82 -2.06 26.81 3.09
C VAL A 82 -3.41 27.44 2.77
N TYR A 83 -4.18 26.76 1.91
CA TYR A 83 -5.52 27.18 1.56
C TYR A 83 -6.56 26.13 1.94
N GLY A 84 -7.76 26.58 2.23
CA GLY A 84 -8.86 25.66 2.55
C GLY A 84 -9.48 25.17 1.26
N ALA A 85 -10.04 23.96 1.27
CA ALA A 85 -10.66 23.41 0.06
C ALA A 85 -11.59 22.29 0.40
N LYS A 86 -12.26 21.80 -0.63
CA LYS A 86 -13.00 20.55 -0.53
C LYS A 86 -12.37 19.58 -1.50
N PHE A 87 -12.23 18.31 -1.10
CA PHE A 87 -11.69 17.29 -1.97
C PHE A 87 -12.70 16.95 -3.05
N VAL A 88 -12.24 16.85 -4.30
CA VAL A 88 -13.15 16.51 -5.41
C VAL A 88 -12.89 15.09 -5.89
N ALA A 89 -11.64 14.77 -6.21
CA ALA A 89 -11.33 13.47 -6.79
C ALA A 89 -9.85 13.20 -6.83
N SER A 90 -9.49 11.91 -6.79
CA SER A 90 -8.16 11.48 -7.25
C SER A 90 -8.28 10.90 -8.64
N HIS A 91 -7.35 11.33 -9.48
CA HIS A 91 -7.30 10.96 -10.86
C HIS A 91 -6.11 10.08 -11.16
N PRO A 92 -6.38 8.78 -11.44
CA PRO A 92 -5.33 7.94 -12.04
C PRO A 92 -5.17 8.28 -13.55
N ILE A 93 -4.06 8.93 -13.92
CA ILE A 93 -3.89 9.50 -15.23
C ILE A 93 -2.76 8.80 -15.95
N GLN A 94 -2.99 8.46 -17.21
CA GLN A 94 -1.98 7.78 -18.02
C GLN A 94 -0.90 8.78 -18.38
N MET A 95 0.32 8.49 -18.01
CA MET A 95 1.40 9.34 -18.37
C MET A 95 2.29 8.70 -19.37
N TYR A 96 2.94 9.50 -20.18
CA TYR A 96 3.83 8.92 -21.20
C TYR A 96 5.16 9.62 -21.16
N GLN A 97 6.19 8.85 -20.90
CA GLN A 97 7.53 9.36 -20.97
C GLN A 97 7.99 9.19 -22.40
N VAL A 98 8.24 10.31 -23.07
CA VAL A 98 8.60 10.31 -24.49
C VAL A 98 10.04 10.78 -24.73
N GLU A 99 10.72 10.18 -25.69
CA GLU A 99 12.10 10.51 -25.98
C GLU A 99 12.25 11.04 -27.39
N PHE A 100 12.93 12.18 -27.53
CA PHE A 100 13.19 12.81 -28.81
C PHE A 100 14.55 12.42 -29.37
N GLU A 101 14.71 12.63 -30.67
CA GLU A 101 15.94 12.34 -31.38
C GLU A 101 17.23 12.84 -30.69
N ASP A 102 17.17 13.93 -29.93
CA ASP A 102 18.40 14.51 -29.32
C ASP A 102 18.72 13.93 -27.93
N GLY A 103 17.87 13.01 -27.45
CA GLY A 103 18.09 12.27 -26.21
C GLY A 103 17.37 12.84 -25.00
N SER A 104 16.52 13.82 -25.27
CA SER A 104 15.84 14.55 -24.21
C SER A 104 14.44 14.01 -24.00
N GLN A 105 14.10 13.82 -22.73
CA GLN A 105 12.83 13.21 -22.40
C GLN A 105 11.87 14.11 -21.63
N LEU A 106 10.59 13.96 -21.94
CA LEU A 106 9.53 14.64 -21.23
C LEU A 106 8.56 13.60 -20.63
N VAL A 107 7.78 14.00 -19.64
CA VAL A 107 6.70 13.16 -19.18
C VAL A 107 5.39 13.87 -19.40
N VAL A 108 4.56 13.35 -20.31
CA VAL A 108 3.36 14.06 -20.74
C VAL A 108 2.07 13.21 -20.64
N LYS A 109 0.93 13.86 -20.72
CA LYS A 109 -0.31 13.12 -20.78
C LYS A 109 -0.95 13.01 -22.17
N ARG A 110 -2.04 12.28 -22.27
CA ARG A 110 -2.58 11.87 -23.59
C ARG A 110 -2.85 12.98 -24.63
N ASP A 111 -3.43 14.10 -24.22
CA ASP A 111 -3.82 15.16 -25.15
C ASP A 111 -2.60 15.88 -25.72
N ASP A 112 -1.42 15.55 -25.21
CA ASP A 112 -0.18 16.19 -25.66
C ASP A 112 0.64 15.27 -26.59
N VAL A 113 0.15 14.04 -26.78
CA VAL A 113 0.75 13.04 -27.65
C VAL A 113 -0.18 12.76 -28.82
N TYR A 114 0.38 12.66 -30.03
CA TYR A 114 -0.41 12.49 -31.25
C TYR A 114 -0.03 11.26 -32.07
N THR A 115 -1.03 10.53 -32.52
CA THR A 115 -0.81 9.29 -33.28
C THR A 115 -0.59 9.51 -34.79
N GLN B 1 5.49 18.81 -13.27
CA GLN B 1 5.19 20.23 -13.07
C GLN B 1 4.39 20.47 -11.80
N LEU B 2 4.49 21.67 -11.28
CA LEU B 2 3.71 22.08 -10.10
C LEU B 2 2.21 22.15 -10.42
N ALA B 3 1.38 22.03 -9.39
CA ALA B 3 -0.06 22.20 -9.53
C ALA B 3 -0.40 23.63 -9.93
N THR B 4 -1.49 23.77 -10.70
CA THR B 4 -1.96 25.07 -11.16
C THR B 4 -3.46 25.21 -10.82
N ALA B 6 -7.30 27.55 -11.63
CA ALA B 6 -8.11 28.23 -12.63
C ALA B 6 -9.53 28.32 -12.11
N ALA B 7 -10.30 29.24 -12.69
CA ALA B 7 -11.71 29.35 -12.38
C ALA B 7 -12.50 28.24 -13.10
N ARG B 8 -13.58 27.78 -12.48
CA ARG B 8 -14.45 26.75 -13.08
C ARG B 8 -15.68 27.42 -13.72
N LYS B 9 -16.66 26.59 -14.13
CA LYS B 9 -17.88 27.02 -14.83
C LYS B 9 -17.58 27.73 -16.15
N SER C 8 -21.69 18.96 7.53
CA SER C 8 -21.56 17.51 7.39
C SER C 8 -21.49 16.77 8.74
N ILE C 9 -21.03 15.52 8.68
CA ILE C 9 -21.16 14.52 9.76
C ILE C 9 -19.84 14.03 10.36
N THR C 10 -19.79 13.95 11.69
CA THR C 10 -18.72 13.30 12.44
C THR C 10 -19.27 12.08 13.16
N ALA C 11 -18.43 11.33 13.86
CA ALA C 11 -18.86 10.11 14.55
C ALA C 11 -19.53 10.36 15.89
N GLY C 12 -20.47 9.51 16.28
CA GLY C 12 -21.22 9.68 17.51
C GLY C 12 -22.49 10.53 17.35
N GLN C 13 -22.58 11.18 16.20
CA GLN C 13 -23.69 12.06 15.88
C GLN C 13 -25.01 11.31 15.64
N LYS C 14 -26.11 11.92 16.04
CA LYS C 14 -27.45 11.37 15.77
C LYS C 14 -28.01 11.96 14.50
N VAL C 15 -28.40 11.07 13.57
CA VAL C 15 -28.88 11.49 12.26
C VAL C 15 -30.20 10.81 11.86
N ILE C 16 -30.75 11.17 10.72
CA ILE C 16 -31.91 10.45 10.23
C ILE C 16 -31.54 9.67 8.97
N SER C 17 -31.87 8.39 8.94
CA SER C 17 -31.65 7.61 7.73
C SER C 17 -32.75 6.57 7.57
N LYS C 18 -32.81 5.96 6.40
CA LYS C 18 -33.86 4.99 6.10
C LYS C 18 -33.51 3.60 6.65
N HIS C 19 -34.49 3.00 7.31
CA HIS C 19 -34.31 1.68 7.88
C HIS C 19 -34.52 0.63 6.82
N LYS C 20 -34.18 -0.60 7.15
CA LYS C 20 -34.39 -1.70 6.23
C LYS C 20 -35.89 -1.88 5.97
N ASN C 21 -36.72 -1.52 6.97
CA ASN C 21 -38.18 -1.64 6.82
C ASN C 21 -38.79 -0.58 5.89
N GLY C 22 -37.98 0.34 5.41
CA GLY C 22 -38.43 1.37 4.48
C GLY C 22 -38.71 2.74 5.09
N ARG C 23 -38.90 2.80 6.40
CA ARG C 23 -39.26 4.06 7.08
C ARG C 23 -38.02 4.82 7.60
N PHE C 24 -38.14 6.12 7.80
CA PHE C 24 -37.05 6.91 8.39
C PHE C 24 -37.06 6.85 9.90
N TYR C 25 -35.86 6.82 10.47
CA TYR C 25 -35.70 6.78 11.92
C TYR C 25 -34.46 7.53 12.28
N GLN C 26 -34.44 8.04 13.50
CA GLN C 26 -33.22 8.51 14.09
C GLN C 26 -32.33 7.32 14.29
N CYS C 27 -31.05 7.52 14.02
CA CYS C 27 -30.05 6.48 14.18
C CYS C 27 -28.76 7.19 14.52
N GLU C 28 -27.79 6.44 15.04
CA GLU C 28 -26.53 7.06 15.42
C GLU C 28 -25.41 6.67 14.43
N VAL C 29 -24.45 7.57 14.25
CA VAL C 29 -23.31 7.33 13.37
C VAL C 29 -22.20 6.68 14.16
N VAL C 30 -21.90 5.41 13.85
CA VAL C 30 -20.89 4.74 14.67
C VAL C 30 -19.50 4.73 14.05
N ARG C 31 -19.39 4.73 12.74
CA ARG C 31 -18.07 4.66 12.14
C ARG C 31 -18.04 5.49 10.84
N LEU C 32 -16.93 6.12 10.57
CA LEU C 32 -16.71 6.68 9.28
C LEU C 32 -15.68 5.85 8.58
N THR C 33 -16.01 5.42 7.39
CA THR C 33 -15.00 4.80 6.52
C THR C 33 -14.96 5.53 5.17
N THR C 34 -13.76 5.66 4.60
CA THR C 34 -13.66 6.09 3.22
C THR C 34 -13.49 4.83 2.36
N GLU C 35 -14.42 4.63 1.45
CA GLU C 35 -14.40 3.41 0.65
C GLU C 35 -14.26 3.73 -0.82
N THR C 36 -13.38 3.00 -1.51
CA THR C 36 -13.10 3.27 -2.92
C THR C 36 -13.92 2.36 -3.83
N PHE C 37 -14.66 3.03 -4.71
CA PHE C 37 -15.50 2.41 -5.72
C PHE C 37 -14.94 2.79 -7.09
N TYR C 38 -15.00 1.87 -8.06
CA TYR C 38 -14.57 2.18 -9.43
C TYR C 38 -15.77 2.51 -10.31
N GLU C 39 -15.53 3.41 -11.26
CA GLU C 39 -16.49 3.76 -12.26
C GLU C 39 -15.97 3.34 -13.63
N VAL C 40 -16.83 2.68 -14.41
CA VAL C 40 -16.48 2.22 -15.74
C VAL C 40 -17.64 2.50 -16.72
N ASN C 41 -17.29 2.75 -17.98
CA ASN C 41 -18.23 2.87 -19.10
C ASN C 41 -18.21 1.58 -19.92
N PHE C 42 -19.27 0.79 -19.87
CA PHE C 42 -19.31 -0.45 -20.63
C PHE C 42 -19.47 -0.14 -22.12
N ASP C 43 -19.11 -1.10 -22.98
CA ASP C 43 -19.17 -0.92 -24.44
C ASP C 43 -20.59 -0.74 -24.99
N ASP C 44 -21.58 -1.09 -24.18
CA ASP C 44 -22.96 -1.01 -24.62
C ASP C 44 -23.54 0.36 -24.30
N GLY C 45 -22.71 1.28 -23.81
CA GLY C 45 -23.21 2.61 -23.53
C GLY C 45 -23.70 2.84 -22.12
N SER C 46 -23.69 1.79 -21.30
CA SER C 46 -24.08 1.91 -19.89
C SER C 46 -22.89 2.20 -19.02
N PHE C 47 -23.13 2.48 -17.75
CA PHE C 47 -22.03 2.76 -16.84
C PHE C 47 -22.33 2.30 -15.42
N SER C 48 -21.29 2.02 -14.66
CA SER C 48 -21.42 1.70 -13.25
C SER C 48 -20.40 2.51 -12.48
N ASP C 49 -20.81 3.14 -11.39
CA ASP C 49 -19.86 3.92 -10.59
C ASP C 49 -19.69 3.33 -9.21
N ASN C 50 -20.18 2.12 -9.01
CA ASN C 50 -20.07 1.54 -7.68
C ASN C 50 -19.49 0.14 -7.75
N LEU C 51 -18.51 -0.04 -8.63
CA LEU C 51 -17.80 -1.30 -8.72
C LEU C 51 -16.71 -1.46 -7.68
N TYR C 52 -16.52 -2.71 -7.23
CA TYR C 52 -15.37 -3.03 -6.40
C TYR C 52 -14.11 -3.07 -7.25
N PRO C 53 -12.97 -2.68 -6.69
CA PRO C 53 -11.75 -2.76 -7.50
C PRO C 53 -11.45 -4.18 -7.99
N GLU C 54 -11.85 -5.21 -7.24
CA GLU C 54 -11.45 -6.55 -7.62
C GLU C 54 -12.41 -7.12 -8.67
N ASP C 55 -13.42 -6.34 -9.05
CA ASP C 55 -14.28 -6.70 -10.17
C ASP C 55 -13.57 -6.40 -11.51
N ILE C 56 -12.40 -5.74 -11.46
CA ILE C 56 -11.51 -5.59 -12.63
C ILE C 56 -10.62 -6.84 -12.81
N VAL C 57 -10.85 -7.59 -13.88
CA VAL C 57 -10.16 -8.87 -14.06
C VAL C 57 -8.97 -8.83 -15.03
N SER C 58 -8.82 -7.74 -15.78
CA SER C 58 -7.72 -7.55 -16.74
C SER C 58 -6.44 -6.95 -16.10
N GLN C 59 -6.49 -6.62 -14.82
CA GLN C 59 -5.32 -6.21 -14.04
C GLN C 59 -5.58 -6.35 -12.56
N ASP C 60 -4.51 -6.42 -11.77
CA ASP C 60 -4.58 -6.64 -10.31
C ASP C 60 -4.64 -5.31 -9.54
N CYS C 61 -5.85 -4.76 -9.40
CA CYS C 61 -6.00 -3.42 -8.83
C CYS C 61 -5.79 -3.36 -7.31
N LEU C 62 -6.07 -4.43 -6.58
CA LEU C 62 -5.81 -4.36 -5.13
C LEU C 62 -4.35 -4.16 -4.89
N GLN C 63 -3.53 -4.85 -5.68
CA GLN C 63 -2.10 -4.81 -5.49
C GLN C 63 -1.42 -3.60 -6.13
N PHE C 64 -1.87 -3.18 -7.33
CA PHE C 64 -1.18 -2.14 -8.12
C PHE C 64 -1.99 -0.89 -8.39
N GLY C 65 -3.14 -0.77 -7.73
CA GLY C 65 -3.94 0.43 -7.88
C GLY C 65 -4.80 0.46 -9.15
N PRO C 66 -5.52 1.57 -9.35
CA PRO C 66 -6.53 1.68 -10.40
C PRO C 66 -5.94 1.74 -11.81
N PRO C 67 -6.70 1.28 -12.81
CA PRO C 67 -6.27 1.50 -14.20
C PRO C 67 -6.14 2.99 -14.47
N ALA C 68 -5.43 3.39 -15.52
CA ALA C 68 -5.43 4.81 -15.83
C ALA C 68 -6.82 5.18 -16.29
N GLU C 69 -7.15 6.44 -16.10
CA GLU C 69 -8.39 6.96 -16.62
C GLU C 69 -8.43 6.83 -18.18
N GLY C 70 -9.54 6.31 -18.71
CA GLY C 70 -9.74 6.10 -20.14
C GLY C 70 -9.13 4.82 -20.71
N GLU C 71 -8.58 3.98 -19.83
CA GLU C 71 -7.98 2.71 -20.22
C GLU C 71 -9.03 1.63 -20.45
N VAL C 72 -8.81 0.83 -21.48
CA VAL C 72 -9.62 -0.35 -21.76
C VAL C 72 -9.41 -1.43 -20.67
N VAL C 73 -10.51 -1.90 -20.11
CA VAL C 73 -10.50 -2.94 -19.07
C VAL C 73 -11.54 -4.03 -19.33
N GLN C 74 -11.36 -5.20 -18.72
CA GLN C 74 -12.41 -6.20 -18.73
C GLN C 74 -12.95 -6.32 -17.30
N VAL C 75 -14.26 -6.31 -17.13
CA VAL C 75 -14.93 -6.26 -15.84
C VAL C 75 -15.77 -7.49 -15.57
N ARG C 76 -15.57 -8.19 -14.47
CA ARG C 76 -16.48 -9.29 -14.10
C ARG C 76 -17.71 -8.69 -13.44
N TRP C 77 -18.87 -8.90 -14.06
CA TRP C 77 -20.08 -8.27 -13.55
C TRP C 77 -20.78 -9.13 -12.46
N THR C 78 -21.99 -8.76 -12.06
CA THR C 78 -22.65 -9.45 -10.95
C THR C 78 -23.37 -10.73 -11.40
N ASP C 79 -23.28 -11.04 -12.69
CA ASP C 79 -23.79 -12.31 -13.17
C ASP C 79 -22.64 -13.25 -13.46
N GLY C 80 -21.43 -12.94 -12.96
CA GLY C 80 -20.27 -13.78 -13.24
C GLY C 80 -19.53 -13.54 -14.57
N GLN C 81 -20.21 -12.94 -15.55
CA GLN C 81 -19.70 -12.80 -16.91
C GLN C 81 -18.87 -11.53 -17.12
N VAL C 82 -17.84 -11.62 -17.96
CA VAL C 82 -16.95 -10.50 -18.26
C VAL C 82 -17.42 -9.57 -19.37
N TYR C 83 -17.39 -8.27 -19.09
CA TYR C 83 -17.74 -7.26 -20.08
C TYR C 83 -16.56 -6.32 -20.38
N GLY C 84 -16.52 -5.78 -21.58
CA GLY C 84 -15.49 -4.82 -21.95
C GLY C 84 -15.90 -3.44 -21.48
N ALA C 85 -14.95 -2.58 -21.15
CA ALA C 85 -15.27 -1.22 -20.69
C ALA C 85 -14.06 -0.31 -20.80
N LYS C 86 -14.28 0.97 -20.49
CA LYS C 86 -13.18 1.89 -20.30
C LYS C 86 -13.23 2.38 -18.85
N PHE C 87 -12.08 2.49 -18.21
CA PHE C 87 -12.02 2.99 -16.85
C PHE C 87 -12.35 4.47 -16.83
N VAL C 88 -13.20 4.88 -15.90
CA VAL C 88 -13.58 6.29 -15.81
C VAL C 88 -12.93 6.94 -14.61
N ALA C 89 -13.08 6.35 -13.43
CA ALA C 89 -12.57 6.98 -12.22
C ALA C 89 -12.59 6.04 -11.04
N SER C 90 -11.69 6.27 -10.08
CA SER C 90 -11.90 5.72 -8.74
C SER C 90 -12.44 6.83 -7.85
N HIS C 91 -13.45 6.47 -7.09
CA HIS C 91 -14.13 7.39 -6.18
C HIS C 91 -13.86 7.02 -4.75
N PRO C 92 -13.08 7.86 -4.05
CA PRO C 92 -13.03 7.72 -2.59
C PRO C 92 -14.31 8.33 -1.95
N ILE C 93 -15.20 7.49 -1.41
CA ILE C 93 -16.53 7.92 -0.99
C ILE C 93 -16.72 7.80 0.51
N GLN C 94 -17.28 8.84 1.12
CA GLN C 94 -17.49 8.86 2.56
C GLN C 94 -18.61 7.91 2.88
N MET C 95 -18.34 6.87 3.65
CA MET C 95 -19.37 5.97 4.07
C MET C 95 -19.68 6.20 5.51
N TYR C 96 -20.91 5.94 5.89
CA TYR C 96 -21.32 6.11 7.29
C TYR C 96 -22.01 4.86 7.76
N GLN C 97 -21.45 4.26 8.79
CA GLN C 97 -22.09 3.13 9.41
C GLN C 97 -23.03 3.66 10.46
N VAL C 98 -24.33 3.42 10.29
CA VAL C 98 -25.34 3.97 11.19
C VAL C 98 -26.04 2.88 12.02
N GLU C 99 -26.35 3.19 13.26
CA GLU C 99 -26.99 2.23 14.14
C GLU C 99 -28.36 2.74 14.58
N PHE C 100 -29.36 1.88 14.45
CA PHE C 100 -30.73 2.18 14.85
C PHE C 100 -31.06 1.66 16.25
N GLU C 101 -32.11 2.21 16.83
CA GLU C 101 -32.55 1.88 18.18
C GLU C 101 -32.65 0.36 18.45
N ASP C 102 -32.93 -0.46 17.42
CA ASP C 102 -33.12 -1.92 17.66
C ASP C 102 -31.81 -2.72 17.59
N GLY C 103 -30.71 -2.02 17.29
CA GLY C 103 -29.36 -2.60 17.29
C GLY C 103 -28.85 -3.02 15.92
N SER C 104 -29.58 -2.60 14.89
CA SER C 104 -29.31 -3.02 13.52
C SER C 104 -28.56 -1.91 12.79
N GLN C 105 -27.51 -2.30 12.08
CA GLN C 105 -26.65 -1.34 11.42
C GLN C 105 -26.63 -1.44 9.90
N LEU C 106 -26.53 -0.27 9.26
CA LEU C 106 -26.38 -0.19 7.83
C LEU C 106 -25.07 0.54 7.50
N VAL C 107 -24.56 0.35 6.29
CA VAL C 107 -23.44 1.17 5.84
C VAL C 107 -23.92 1.98 4.66
N VAL C 108 -24.03 3.30 4.81
CA VAL C 108 -24.65 4.14 3.79
C VAL C 108 -23.81 5.36 3.40
N LYS C 109 -24.17 6.02 2.32
CA LYS C 109 -23.54 7.22 1.80
C LYS C 109 -24.21 8.55 2.16
N ARG C 110 -23.53 9.66 1.90
CA ARG C 110 -24.02 10.99 2.34
C ARG C 110 -25.48 11.35 1.98
N ASP C 111 -25.94 11.07 0.77
CA ASP C 111 -27.28 11.47 0.36
C ASP C 111 -28.38 10.66 1.04
N ASP C 112 -27.99 9.64 1.81
CA ASP C 112 -28.95 8.76 2.48
C ASP C 112 -29.04 9.04 3.99
N VAL C 113 -28.21 9.96 4.46
CA VAL C 113 -28.17 10.42 5.84
C VAL C 113 -28.60 11.87 5.90
N TYR C 114 -29.44 12.22 6.87
CA TYR C 114 -30.00 13.57 6.97
C TYR C 114 -29.75 14.24 8.31
N THR C 115 -29.32 15.50 8.27
CA THR C 115 -28.98 16.26 9.48
C THR C 115 -30.18 16.93 10.17
N GLN D 1 -23.37 -3.50 -0.99
CA GLN D 1 -24.20 -3.95 -2.11
C GLN D 1 -23.40 -4.19 -3.37
N LEU D 2 -23.94 -5.03 -4.24
CA LEU D 2 -23.32 -5.31 -5.53
C LEU D 2 -23.35 -4.07 -6.44
N ALA D 3 -22.45 -4.04 -7.41
CA ALA D 3 -22.43 -2.98 -8.41
C ALA D 3 -23.69 -3.02 -9.26
N THR D 4 -24.13 -1.86 -9.72
CA THR D 4 -25.32 -1.73 -10.58
C THR D 4 -24.98 -0.90 -11.83
N ALA D 6 -26.56 1.52 -15.35
CA ALA D 6 -27.61 2.41 -15.87
C ALA D 6 -27.11 3.09 -17.13
N ALA D 7 -28.04 3.60 -17.93
CA ALA D 7 -27.69 4.38 -19.10
C ALA D 7 -27.28 5.79 -18.64
N ARG D 8 -26.36 6.41 -19.38
CA ARG D 8 -25.90 7.77 -19.07
C ARG D 8 -26.62 8.79 -19.97
N LYS D 9 -26.14 10.04 -19.96
CA LYS D 9 -26.73 11.18 -20.70
C LYS D 9 -28.18 11.44 -20.30
N SER E 8 -1.75 -28.86 -13.71
CA SER E 8 -2.59 -27.67 -13.63
C SER E 8 -2.68 -26.91 -14.97
N ILE E 9 -3.12 -25.65 -14.92
CA ILE E 9 -3.59 -24.92 -16.11
C ILE E 9 -2.73 -23.74 -16.50
N THR E 10 -2.48 -23.61 -17.80
CA THR E 10 -1.81 -22.44 -18.33
C THR E 10 -2.77 -21.66 -19.24
N ALA E 11 -2.35 -20.49 -19.70
CA ALA E 11 -3.20 -19.63 -20.54
C ALA E 11 -3.17 -20.03 -22.03
N GLY E 12 -4.27 -19.79 -22.73
CA GLY E 12 -4.41 -20.15 -24.14
C GLY E 12 -4.91 -21.58 -24.36
N GLN E 13 -4.87 -22.38 -23.30
CA GLN E 13 -5.21 -23.80 -23.29
C GLN E 13 -6.69 -24.08 -23.60
N LYS E 14 -6.97 -25.25 -24.20
CA LYS E 14 -8.34 -25.70 -24.43
C LYS E 14 -8.73 -26.62 -23.27
N VAL E 15 -9.75 -26.25 -22.50
CA VAL E 15 -10.20 -27.01 -21.33
C VAL E 15 -11.70 -27.19 -21.34
N ILE E 16 -12.18 -27.91 -20.34
CA ILE E 16 -13.61 -28.01 -20.09
C ILE E 16 -13.97 -27.39 -18.77
N SER E 17 -14.95 -26.47 -18.75
CA SER E 17 -15.38 -25.92 -17.48
C SER E 17 -16.87 -25.66 -17.46
N LYS E 18 -17.34 -25.34 -16.27
CA LYS E 18 -18.74 -25.17 -15.97
C LYS E 18 -19.27 -23.77 -16.34
N HIS E 19 -20.42 -23.72 -17.03
CA HIS E 19 -21.04 -22.44 -17.35
C HIS E 19 -21.96 -22.09 -16.18
N LYS E 20 -22.69 -20.99 -16.26
CA LYS E 20 -23.60 -20.58 -15.17
C LYS E 20 -24.72 -21.58 -14.86
N ASN E 21 -25.19 -22.27 -15.91
CA ASN E 21 -26.29 -23.22 -15.76
C ASN E 21 -25.91 -24.50 -15.03
N GLY E 22 -24.65 -24.68 -14.67
CA GLY E 22 -24.26 -25.89 -13.96
C GLY E 22 -23.59 -26.96 -14.83
N ARG E 23 -23.73 -26.83 -16.16
CA ARG E 23 -23.22 -27.83 -17.09
C ARG E 23 -21.81 -27.54 -17.59
N PHE E 24 -21.08 -28.58 -18.00
CA PHE E 24 -19.74 -28.44 -18.56
C PHE E 24 -19.73 -28.18 -20.07
N TYR E 25 -18.77 -27.40 -20.54
CA TYR E 25 -18.60 -27.11 -21.95
C TYR E 25 -17.12 -26.96 -22.23
N GLN E 26 -16.74 -27.28 -23.45
CA GLN E 26 -15.41 -26.97 -23.86
C GLN E 26 -15.26 -25.47 -23.91
N CYS E 27 -14.11 -24.98 -23.50
CA CYS E 27 -13.87 -23.55 -23.49
C CYS E 27 -12.38 -23.25 -23.61
N GLU E 28 -12.05 -21.99 -23.88
CA GLU E 28 -10.64 -21.61 -23.97
C GLU E 28 -10.27 -20.74 -22.77
N VAL E 29 -9.05 -20.93 -22.27
CA VAL E 29 -8.56 -20.15 -21.14
C VAL E 29 -7.85 -18.92 -21.66
N VAL E 30 -8.39 -17.75 -21.38
CA VAL E 30 -7.77 -16.54 -21.91
C VAL E 30 -6.87 -15.85 -20.88
N ARG E 31 -7.22 -15.95 -19.61
CA ARG E 31 -6.49 -15.25 -18.56
C ARG E 31 -6.47 -15.96 -17.21
N LEU E 32 -5.38 -15.85 -16.49
CA LEU E 32 -5.31 -16.27 -15.11
C LEU E 32 -5.41 -15.07 -14.20
N THR E 33 -6.51 -14.97 -13.48
CA THR E 33 -6.74 -13.81 -12.62
C THR E 33 -6.23 -14.09 -11.21
N THR E 34 -5.91 -12.99 -10.54
CA THR E 34 -5.52 -12.98 -9.17
C THR E 34 -6.68 -12.47 -8.39
N GLU E 35 -7.11 -13.24 -7.42
CA GLU E 35 -8.24 -12.83 -6.60
C GLU E 35 -7.95 -12.99 -5.11
N THR E 36 -8.36 -12.01 -4.29
CA THR E 36 -8.24 -12.16 -2.85
C THR E 36 -9.64 -12.23 -2.22
N PHE E 37 -9.97 -13.37 -1.61
CA PHE E 37 -11.26 -13.55 -1.00
C PHE E 37 -11.13 -13.73 0.51
N TYR E 38 -12.05 -13.15 1.26
CA TYR E 38 -12.12 -13.38 2.69
C TYR E 38 -13.15 -14.43 3.01
N GLU E 39 -12.83 -15.23 3.99
CA GLU E 39 -13.78 -16.19 4.49
C GLU E 39 -14.15 -15.84 5.91
N VAL E 40 -15.45 -15.81 6.17
CA VAL E 40 -15.95 -15.50 7.51
C VAL E 40 -17.05 -16.48 7.90
N ASN E 41 -17.12 -16.73 9.21
CA ASN E 41 -18.17 -17.49 9.83
C ASN E 41 -19.17 -16.54 10.51
N PHE E 42 -20.35 -16.39 9.92
CA PHE E 42 -21.37 -15.48 10.48
C PHE E 42 -21.94 -16.08 11.76
N ASP E 43 -22.50 -15.23 12.62
CA ASP E 43 -23.04 -15.68 13.91
C ASP E 43 -24.23 -16.66 13.80
N ASP E 44 -24.87 -16.75 12.64
CA ASP E 44 -26.03 -17.62 12.50
C ASP E 44 -25.72 -19.03 11.98
N GLY E 45 -24.43 -19.35 11.92
CA GLY E 45 -23.99 -20.66 11.50
C GLY E 45 -23.66 -20.73 10.02
N SER E 46 -23.95 -19.65 9.30
CA SER E 46 -23.63 -19.66 7.89
C SER E 46 -22.22 -19.10 7.70
N PHE E 47 -21.69 -19.22 6.49
CA PHE E 47 -20.34 -18.82 6.19
C PHE E 47 -20.29 -18.33 4.78
N SER E 48 -19.31 -17.48 4.50
CA SER E 48 -19.02 -17.04 3.15
C SER E 48 -17.54 -17.14 2.88
N ASP E 49 -17.13 -17.74 1.74
CA ASP E 49 -15.70 -17.73 1.44
C ASP E 49 -15.38 -16.88 0.20
N ASN E 50 -16.33 -16.04 -0.23
CA ASN E 50 -16.08 -15.17 -1.40
C ASN E 50 -16.40 -13.71 -1.09
N LEU E 51 -16.07 -13.30 0.10
CA LEU E 51 -16.24 -11.93 0.56
C LEU E 51 -15.17 -10.96 0.07
N TYR E 52 -15.53 -9.75 -0.29
CA TYR E 52 -14.52 -8.77 -0.66
C TYR E 52 -13.84 -8.24 0.58
N PRO E 53 -12.54 -7.88 0.47
CA PRO E 53 -11.83 -7.35 1.63
C PRO E 53 -12.51 -6.10 2.22
N GLU E 54 -13.13 -5.27 1.39
CA GLU E 54 -13.65 -4.02 1.90
C GLU E 54 -15.02 -4.20 2.51
N ASP E 55 -15.55 -5.42 2.48
CA ASP E 55 -16.78 -5.67 3.22
C ASP E 55 -16.51 -5.83 4.76
N ILE E 56 -15.24 -5.87 5.18
CA ILE E 56 -14.96 -5.84 6.62
C ILE E 56 -14.96 -4.36 7.05
N VAL E 57 -16.02 -3.94 7.74
CA VAL E 57 -16.17 -2.53 8.08
C VAL E 57 -15.73 -2.19 9.51
N SER E 58 -15.45 -3.21 10.35
CA SER E 58 -15.01 -3.00 11.73
C SER E 58 -13.49 -2.76 11.80
N GLN E 59 -12.82 -2.91 10.67
CA GLN E 59 -11.42 -2.51 10.53
C GLN E 59 -11.12 -2.29 9.06
N ASP E 60 -10.07 -1.53 8.79
CA ASP E 60 -9.65 -1.17 7.43
C ASP E 60 -8.63 -2.17 6.88
N CYS E 61 -9.11 -3.26 6.27
CA CYS E 61 -8.22 -4.36 5.85
C CYS E 61 -7.32 -4.07 4.65
N LEU E 62 -7.76 -3.17 3.78
CA LEU E 62 -6.96 -2.77 2.65
C LEU E 62 -5.74 -2.06 3.20
N GLN E 63 -5.94 -1.31 4.27
CA GLN E 63 -4.88 -0.50 4.86
C GLN E 63 -3.91 -1.32 5.70
N PHE E 64 -4.46 -2.22 6.52
CA PHE E 64 -3.69 -2.94 7.54
C PHE E 64 -3.67 -4.46 7.39
N GLY E 65 -4.19 -4.99 6.29
CA GLY E 65 -4.26 -6.43 6.11
C GLY E 65 -5.46 -7.09 6.78
N PRO E 66 -5.55 -8.43 6.71
CA PRO E 66 -6.69 -9.21 7.20
C PRO E 66 -6.76 -9.27 8.71
N PRO E 67 -7.94 -9.47 9.29
CA PRO E 67 -8.00 -9.71 10.75
C PRO E 67 -7.32 -11.02 11.11
N ALA E 68 -6.96 -11.17 12.38
CA ALA E 68 -6.42 -12.43 12.87
C ALA E 68 -7.54 -13.47 12.81
N GLU E 69 -7.15 -14.73 12.72
CA GLU E 69 -8.13 -15.81 12.71
C GLU E 69 -8.94 -15.84 14.02
N GLY E 70 -10.25 -15.96 13.89
CA GLY E 70 -11.16 -16.06 15.02
C GLY E 70 -11.56 -14.73 15.63
N GLU E 71 -11.12 -13.65 14.99
CA GLU E 71 -11.42 -12.32 15.50
C GLU E 71 -12.85 -11.92 15.11
N VAL E 72 -13.53 -11.30 16.06
CA VAL E 72 -14.86 -10.76 15.82
C VAL E 72 -14.78 -9.64 14.79
N VAL E 73 -15.60 -9.74 13.74
CA VAL E 73 -15.65 -8.69 12.74
C VAL E 73 -17.12 -8.36 12.43
N GLN E 74 -17.33 -7.17 11.92
CA GLN E 74 -18.62 -6.78 11.39
C GLN E 74 -18.49 -6.79 9.90
N VAL E 75 -19.45 -7.34 9.21
CA VAL E 75 -19.38 -7.51 7.78
C VAL E 75 -20.53 -6.76 7.13
N ARG E 76 -20.28 -5.84 6.21
CA ARG E 76 -21.39 -5.26 5.47
C ARG E 76 -21.79 -6.24 4.36
N TRP E 77 -23.02 -6.71 4.36
CA TRP E 77 -23.40 -7.71 3.37
C TRP E 77 -23.90 -7.07 2.09
N THR E 78 -24.47 -7.86 1.19
CA THR E 78 -24.84 -7.34 -0.12
C THR E 78 -26.14 -6.56 -0.04
N ASP E 79 -26.76 -6.53 1.15
CA ASP E 79 -27.97 -5.73 1.34
C ASP E 79 -27.64 -4.44 2.13
N GLY E 80 -26.38 -4.00 2.19
CA GLY E 80 -26.16 -2.74 2.88
C GLY E 80 -26.09 -2.96 4.38
N GLN E 81 -26.61 -4.10 4.80
CA GLN E 81 -26.78 -4.41 6.21
C GLN E 81 -25.56 -5.10 6.80
N VAL E 82 -25.23 -4.71 8.03
CA VAL E 82 -24.07 -5.19 8.76
C VAL E 82 -24.37 -6.42 9.60
N TYR E 83 -23.53 -7.45 9.50
CA TYR E 83 -23.71 -8.69 10.25
C TYR E 83 -22.49 -9.02 11.06
N GLY E 84 -22.70 -9.68 12.20
CA GLY E 84 -21.58 -10.11 13.02
C GLY E 84 -21.01 -11.42 12.54
N ALA E 85 -19.70 -11.56 12.65
CA ALA E 85 -19.02 -12.76 12.19
C ALA E 85 -17.73 -12.94 12.90
N LYS E 86 -17.11 -14.09 12.70
CA LYS E 86 -15.73 -14.33 13.11
C LYS E 86 -14.89 -14.61 11.86
N PHE E 87 -13.72 -13.99 11.77
CA PHE E 87 -12.87 -14.15 10.60
C PHE E 87 -12.20 -15.50 10.49
N VAL E 88 -12.20 -16.09 9.30
CA VAL E 88 -11.58 -17.40 9.14
C VAL E 88 -10.24 -17.34 8.39
N ALA E 89 -10.22 -16.76 7.19
CA ALA E 89 -9.00 -16.78 6.37
C ALA E 89 -9.08 -15.84 5.18
N SER E 90 -7.92 -15.38 4.71
CA SER E 90 -7.80 -14.71 3.42
C SER E 90 -7.38 -15.73 2.41
N HIS E 91 -8.03 -15.77 1.26
CA HIS E 91 -7.62 -16.73 0.25
C HIS E 91 -7.10 -16.01 -0.96
N PRO E 92 -5.79 -15.96 -1.16
CA PRO E 92 -5.30 -15.57 -2.48
C PRO E 92 -5.48 -16.75 -3.47
N ILE E 93 -6.42 -16.61 -4.40
CA ILE E 93 -6.87 -17.71 -5.24
C ILE E 93 -6.52 -17.45 -6.70
N GLN E 94 -6.08 -18.53 -7.33
CA GLN E 94 -5.85 -18.58 -8.77
C GLN E 94 -7.18 -18.85 -9.49
N MET E 95 -7.70 -17.87 -10.24
CA MET E 95 -8.88 -18.16 -11.07
C MET E 95 -8.61 -18.08 -12.57
N TYR E 96 -9.49 -18.67 -13.36
CA TYR E 96 -9.27 -18.77 -14.81
C TYR E 96 -10.41 -18.12 -15.55
N GLN E 97 -10.07 -17.11 -16.34
CA GLN E 97 -11.04 -16.49 -17.24
C GLN E 97 -11.12 -17.31 -18.50
N VAL E 98 -12.29 -17.89 -18.73
CA VAL E 98 -12.47 -18.82 -19.83
C VAL E 98 -13.53 -18.36 -20.88
N GLU E 99 -13.27 -18.61 -22.17
CA GLU E 99 -14.19 -18.15 -23.22
C GLU E 99 -14.89 -19.31 -23.93
N PHE E 100 -16.22 -19.25 -23.94
CA PHE E 100 -17.05 -20.25 -24.59
C PHE E 100 -17.41 -19.80 -26.00
N GLY E 103 -18.14 -17.13 -27.44
CA GLY E 103 -17.64 -15.77 -27.27
C GLY E 103 -18.06 -15.14 -25.95
N SER E 104 -18.48 -16.03 -25.05
CA SER E 104 -19.03 -15.68 -23.77
C SER E 104 -18.01 -16.09 -22.73
N GLN E 105 -17.65 -15.15 -21.86
CA GLN E 105 -16.60 -15.39 -20.87
C GLN E 105 -17.04 -15.37 -19.42
N LEU E 106 -16.54 -16.37 -18.70
CA LEU E 106 -16.69 -16.44 -17.27
C LEU E 106 -15.31 -16.47 -16.63
N VAL E 107 -15.29 -16.21 -15.32
CA VAL E 107 -14.13 -16.40 -14.49
C VAL E 107 -14.48 -17.50 -13.48
N VAL E 108 -13.79 -18.63 -13.53
CA VAL E 108 -14.18 -19.82 -12.80
C VAL E 108 -13.02 -20.25 -11.94
N LYS E 109 -13.26 -21.14 -11.00
CA LYS E 109 -12.23 -21.65 -10.13
C LYS E 109 -11.49 -22.86 -10.65
N ARG E 110 -10.35 -23.17 -10.09
CA ARG E 110 -9.52 -24.29 -10.55
C ARG E 110 -10.27 -25.61 -10.60
N ASP E 111 -11.09 -25.86 -9.58
CA ASP E 111 -11.79 -27.12 -9.43
C ASP E 111 -12.91 -27.31 -10.46
N ASP E 112 -13.21 -26.27 -11.24
CA ASP E 112 -14.24 -26.36 -12.26
C ASP E 112 -13.66 -26.49 -13.66
N VAL E 113 -12.34 -26.52 -13.77
CA VAL E 113 -11.70 -26.63 -15.07
C VAL E 113 -11.00 -27.99 -15.22
N LEU F 2 -19.78 -11.25 -6.92
CA LEU F 2 -20.69 -12.10 -6.14
C LEU F 2 -20.06 -12.36 -4.77
N ALA F 3 -20.85 -12.16 -3.71
CA ALA F 3 -20.47 -12.45 -2.32
C ALA F 3 -21.64 -13.21 -1.67
N THR F 4 -21.50 -14.53 -1.59
CA THR F 4 -22.60 -15.37 -1.20
C THR F 4 -22.32 -16.09 0.10
N ALA F 6 -23.87 -19.48 2.75
CA ALA F 6 -24.60 -20.74 2.80
C ALA F 6 -24.39 -21.36 4.18
N ALA F 7 -25.13 -22.40 4.49
CA ALA F 7 -24.97 -23.07 5.77
C ALA F 7 -23.66 -23.85 5.85
N ARG F 8 -23.00 -23.86 7.01
CA ARG F 8 -21.78 -24.67 7.20
C ARG F 8 -22.05 -26.15 7.35
N SER G 8 11.89 20.16 21.77
CA SER G 8 11.20 20.29 20.48
C SER G 8 9.77 20.86 20.62
N ILE G 9 8.96 20.69 19.57
CA ILE G 9 7.70 21.45 19.39
C ILE G 9 6.44 20.61 19.45
N THR G 10 5.43 21.12 20.15
CA THR G 10 4.11 20.51 20.16
C THR G 10 3.10 21.43 19.50
N ALA G 11 1.86 20.94 19.32
CA ALA G 11 0.81 21.70 18.65
C ALA G 11 0.08 22.67 19.59
N GLY G 12 -0.39 23.79 19.03
CA GLY G 12 -1.06 24.83 19.79
C GLY G 12 -0.10 25.87 20.39
N GLN G 13 1.19 25.55 20.37
CA GLN G 13 2.28 26.33 20.98
C GLN G 13 2.51 27.70 20.30
N LYS G 14 2.99 28.68 21.07
CA LYS G 14 3.37 29.97 20.52
C LYS G 14 4.89 29.95 20.24
N VAL G 15 5.28 30.11 18.97
CA VAL G 15 6.69 30.04 18.58
C VAL G 15 7.08 31.20 17.71
N ILE G 16 8.36 31.23 17.36
CA ILE G 16 8.83 32.17 16.36
C ILE G 16 9.33 31.43 15.14
N SER G 17 8.82 31.79 13.96
CA SER G 17 9.30 31.18 12.73
C SER G 17 9.37 32.13 11.57
N LYS G 18 9.99 31.64 10.49
CA LYS G 18 10.29 32.41 9.31
C LYS G 18 9.12 32.47 8.30
N HIS G 19 8.81 33.69 7.82
CA HIS G 19 7.78 33.84 6.79
C HIS G 19 8.44 33.71 5.42
N LYS G 20 7.68 33.88 4.33
CA LYS G 20 8.25 33.75 2.97
C LYS G 20 9.36 34.75 2.64
N ASN G 21 9.22 35.95 3.19
CA ASN G 21 10.16 37.04 2.94
C ASN G 21 11.52 36.83 3.61
N GLY G 22 11.69 35.75 4.38
CA GLY G 22 12.98 35.49 5.00
C GLY G 22 13.07 35.90 6.47
N ARG G 23 12.14 36.74 6.94
CA ARG G 23 12.17 37.27 8.29
C ARG G 23 11.39 36.44 9.31
N PHE G 24 11.77 36.53 10.57
CA PHE G 24 11.08 35.86 11.67
C PHE G 24 9.89 36.63 12.23
N TYR G 25 8.87 35.90 12.68
CA TYR G 25 7.68 36.48 13.29
C TYR G 25 7.14 35.54 14.35
N GLN G 26 6.47 36.09 15.34
CA GLN G 26 5.74 35.23 16.24
C GLN G 26 4.60 34.59 15.48
N CYS G 27 4.34 33.35 15.80
CA CYS G 27 3.27 32.62 15.15
C CYS G 27 2.76 31.49 16.04
N GLU G 28 1.64 30.90 15.66
CA GLU G 28 1.10 29.78 16.41
C GLU G 28 1.23 28.48 15.62
N VAL G 29 1.52 27.38 16.31
CA VAL G 29 1.63 26.07 15.69
C VAL G 29 0.27 25.40 15.69
N VAL G 30 -0.30 25.19 14.51
CA VAL G 30 -1.63 24.59 14.52
C VAL G 30 -1.58 23.08 14.26
N ARG G 31 -0.61 22.63 13.49
CA ARG G 31 -0.50 21.23 13.08
C ARG G 31 0.93 20.71 12.89
N LEU G 32 1.15 19.45 13.18
CA LEU G 32 2.39 18.77 12.87
C LEU G 32 2.21 17.83 11.70
N THR G 33 2.74 18.19 10.55
CA THR G 33 2.53 17.42 9.33
C THR G 33 3.61 16.34 9.19
N THR G 34 3.22 15.22 8.59
CA THR G 34 4.17 14.19 8.17
C THR G 34 4.41 14.33 6.67
N GLU G 35 5.68 14.52 6.30
CA GLU G 35 6.10 14.73 4.93
C GLU G 35 7.15 13.71 4.50
N THR G 36 7.05 13.17 3.29
CA THR G 36 8.11 12.30 2.79
C THR G 36 8.81 12.96 1.60
N PHE G 37 10.09 13.30 1.75
CA PHE G 37 10.83 13.92 0.67
C PHE G 37 11.97 13.04 0.21
N TYR G 38 12.21 13.03 -1.10
CA TYR G 38 13.36 12.34 -1.66
C TYR G 38 14.47 13.31 -1.89
N GLU G 39 15.68 12.83 -1.67
CA GLU G 39 16.84 13.60 -1.97
C GLU G 39 17.59 12.92 -3.09
N VAL G 40 17.95 13.71 -4.09
CA VAL G 40 18.71 13.17 -5.22
C VAL G 40 19.86 14.11 -5.55
N ASN G 41 20.92 13.50 -6.07
CA ASN G 41 22.07 14.19 -6.62
C ASN G 41 22.01 14.16 -8.15
N PHE G 42 21.72 15.30 -8.77
CA PHE G 42 21.61 15.38 -10.24
C PHE G 42 22.98 15.27 -10.89
N ASP G 43 23.01 14.87 -12.17
CA ASP G 43 24.27 14.68 -12.90
C ASP G 43 25.11 15.97 -13.10
N ASP G 44 24.50 17.14 -12.96
CA ASP G 44 25.23 18.40 -13.15
C ASP G 44 25.81 19.00 -11.86
N GLY G 45 25.80 18.22 -10.80
CA GLY G 45 26.39 18.64 -9.54
C GLY G 45 25.38 19.29 -8.61
N SER G 46 24.16 19.49 -9.10
CA SER G 46 23.16 20.07 -8.22
C SER G 46 22.42 18.95 -7.52
N PHE G 47 21.63 19.31 -6.52
CA PHE G 47 20.91 18.34 -5.70
C PHE G 47 19.59 18.94 -5.29
N SER G 48 18.64 18.05 -5.02
CA SER G 48 17.37 18.45 -4.44
C SER G 48 17.06 17.56 -3.27
N ASP G 49 16.65 18.14 -2.13
CA ASP G 49 16.22 17.28 -1.02
C ASP G 49 14.74 17.45 -0.72
N ASN G 50 13.98 18.07 -1.62
CA ASN G 50 12.54 18.24 -1.40
C ASN G 50 11.74 17.73 -2.59
N LEU G 51 12.17 16.64 -3.16
CA LEU G 51 11.53 16.03 -4.28
C LEU G 51 10.38 15.15 -3.87
N TYR G 52 9.31 15.14 -4.63
CA TYR G 52 8.21 14.23 -4.32
C TYR G 52 8.47 12.82 -4.78
N PRO G 53 7.94 11.84 -4.04
CA PRO G 53 8.19 10.44 -4.45
C PRO G 53 7.75 10.16 -5.89
N GLU G 54 6.69 10.78 -6.39
CA GLU G 54 6.27 10.37 -7.72
C GLU G 54 7.06 11.08 -8.80
N ASP G 55 8.00 11.93 -8.43
CA ASP G 55 8.87 12.49 -9.46
C ASP G 55 9.99 11.49 -9.93
N ILE G 56 10.13 10.34 -9.25
CA ILE G 56 11.01 9.28 -9.74
C ILE G 56 10.24 8.48 -10.78
N VAL G 57 10.57 8.66 -12.05
CA VAL G 57 9.81 8.02 -13.12
C VAL G 57 10.47 6.74 -13.66
N SER G 58 11.73 6.47 -13.26
CA SER G 58 12.44 5.27 -13.75
C SER G 58 12.05 4.04 -12.91
N GLN G 59 11.30 4.28 -11.84
CA GLN G 59 10.69 3.20 -11.08
C GLN G 59 9.49 3.75 -10.31
N ASP G 60 8.60 2.85 -9.92
CA ASP G 60 7.35 3.18 -9.23
C ASP G 60 7.55 3.15 -7.70
N CYS G 61 8.01 4.25 -7.12
CA CYS G 61 8.40 4.27 -5.70
C CYS G 61 7.24 4.18 -4.70
N LEU G 62 6.08 4.65 -5.12
CA LEU G 62 4.89 4.57 -4.29
C LEU G 62 4.57 3.09 -4.14
N GLN G 63 4.78 2.32 -5.21
CA GLN G 63 4.42 0.92 -5.22
C GLN G 63 5.45 0.03 -4.50
N PHE G 64 6.73 0.30 -4.73
CA PHE G 64 7.81 -0.59 -4.28
C PHE G 64 8.81 0.04 -3.30
N GLY G 65 8.53 1.26 -2.85
CA GLY G 65 9.44 1.98 -1.97
C GLY G 65 10.55 2.73 -2.71
N PRO G 66 11.47 3.36 -1.96
CA PRO G 66 12.52 4.24 -2.52
C PRO G 66 13.60 3.46 -3.26
N PRO G 67 14.31 4.08 -4.20
CA PRO G 67 15.48 3.41 -4.78
C PRO G 67 16.56 3.20 -3.72
N ALA G 68 17.47 2.28 -3.97
CA ALA G 68 18.63 2.09 -3.10
C ALA G 68 19.52 3.32 -3.22
N GLU G 69 20.29 3.59 -2.18
CA GLU G 69 21.22 4.69 -2.20
C GLU G 69 22.25 4.53 -3.34
N GLY G 70 22.46 5.60 -4.10
CA GLY G 70 23.41 5.64 -5.20
C GLY G 70 22.91 5.05 -6.49
N GLU G 71 21.64 4.67 -6.54
CA GLU G 71 21.08 4.08 -7.73
C GLU G 71 20.79 5.16 -8.76
N VAL G 72 21.09 4.87 -10.02
CA VAL G 72 20.75 5.77 -11.09
C VAL G 72 19.23 5.86 -11.22
N VAL G 73 18.71 7.10 -11.23
CA VAL G 73 17.30 7.33 -11.41
C VAL G 73 17.07 8.45 -12.44
N GLN G 74 15.88 8.44 -13.02
CA GLN G 74 15.44 9.52 -13.86
C GLN G 74 14.41 10.31 -13.08
N VAL G 75 14.53 11.61 -13.07
CA VAL G 75 13.67 12.47 -12.31
C VAL G 75 12.86 13.37 -13.21
N ARG G 76 11.53 13.37 -13.15
CA ARG G 76 10.78 14.37 -13.89
C ARG G 76 10.80 15.66 -13.07
N TRP G 77 11.34 16.74 -13.62
CA TRP G 77 11.46 17.97 -12.84
C TRP G 77 10.22 18.84 -12.96
N THR G 78 10.27 20.07 -12.47
CA THR G 78 9.08 20.89 -12.41
C THR G 78 8.76 21.48 -13.77
N ASP G 79 9.62 21.21 -14.76
CA ASP G 79 9.34 21.63 -16.14
C ASP G 79 8.90 20.45 -17.02
N GLY G 80 8.41 19.34 -16.48
CA GLY G 80 7.97 18.28 -17.37
C GLY G 80 9.12 17.44 -17.88
N GLN G 81 10.31 18.01 -17.80
CA GLN G 81 11.50 17.43 -18.40
C GLN G 81 12.22 16.48 -17.45
N VAL G 82 12.73 15.39 -18.01
CA VAL G 82 13.41 14.33 -17.28
C VAL G 82 14.91 14.56 -17.15
N TYR G 83 15.45 14.39 -15.95
CA TYR G 83 16.89 14.56 -15.70
C TYR G 83 17.51 13.35 -15.07
N GLY G 84 18.79 13.10 -15.37
CA GLY G 84 19.48 11.98 -14.74
C GLY G 84 19.99 12.36 -13.36
N ALA G 85 19.94 11.39 -12.45
CA ALA G 85 20.39 11.63 -11.09
C ALA G 85 20.78 10.34 -10.43
N LYS G 86 21.37 10.47 -9.26
CA LYS G 86 21.61 9.31 -8.38
C LYS G 86 20.85 9.49 -7.06
N PHE G 87 20.16 8.46 -6.60
CA PHE G 87 19.36 8.60 -5.38
C PHE G 87 20.17 8.72 -4.11
N VAL G 88 19.79 9.64 -3.22
CA VAL G 88 20.54 9.81 -1.99
C VAL G 88 19.79 9.25 -0.78
N ALA G 89 18.55 9.68 -0.53
CA ALA G 89 17.83 9.27 0.68
C ALA G 89 16.35 9.66 0.65
N SER G 90 15.53 8.90 1.37
CA SER G 90 14.15 9.31 1.64
C SER G 90 14.12 9.96 2.99
N HIS G 91 13.49 11.12 3.11
CA HIS G 91 13.46 11.78 4.41
C HIS G 91 12.03 11.85 4.92
N PRO G 92 11.67 10.98 5.86
CA PRO G 92 10.40 11.23 6.57
C PRO G 92 10.60 12.37 7.57
N ILE G 93 10.00 13.52 7.30
CA ILE G 93 10.28 14.74 8.02
C ILE G 93 9.06 15.27 8.78
N GLN G 94 9.34 15.73 10.00
CA GLN G 94 8.40 16.44 10.85
C GLN G 94 8.33 17.91 10.46
N MET G 95 7.21 18.37 9.91
CA MET G 95 7.05 19.81 9.64
C MET G 95 5.93 20.45 10.46
N TYR G 96 5.96 21.76 10.60
CA TYR G 96 5.03 22.47 11.47
C TYR G 96 4.21 23.45 10.69
N GLN G 97 2.90 23.28 10.70
CA GLN G 97 2.00 24.26 10.10
C GLN G 97 1.74 25.39 11.09
N VAL G 98 2.21 26.58 10.73
CA VAL G 98 2.17 27.72 11.63
C VAL G 98 1.28 28.89 11.14
N GLU G 99 0.56 29.54 12.06
CA GLU G 99 -0.35 30.61 11.64
C GLU G 99 0.12 31.98 12.13
N PHE G 100 0.25 32.91 11.19
CA PHE G 100 0.68 34.26 11.53
C PHE G 100 -0.55 35.16 11.66
N GLY G 103 -3.32 35.45 10.34
CA GLY G 103 -4.29 34.50 9.80
C GLY G 103 -3.77 33.81 8.56
N SER G 104 -2.46 33.92 8.37
CA SER G 104 -1.78 33.44 7.20
C SER G 104 -0.93 32.26 7.63
N GLN G 105 -1.06 31.13 6.93
CA GLN G 105 -0.38 29.93 7.35
C GLN G 105 0.67 29.40 6.38
N LEU G 106 1.78 28.99 6.96
CA LEU G 106 2.84 28.32 6.25
C LEU G 106 3.08 26.96 6.90
N VAL G 107 3.76 26.09 6.16
CA VAL G 107 4.27 24.84 6.67
C VAL G 107 5.80 24.94 6.60
N VAL G 108 6.46 24.93 7.76
CA VAL G 108 7.88 25.25 7.83
C VAL G 108 8.58 24.09 8.47
N LYS G 109 9.90 24.06 8.38
CA LYS G 109 10.65 22.96 8.95
C LYS G 109 11.11 23.25 10.38
N ARG G 110 11.52 22.19 11.08
CA ARG G 110 11.89 22.29 12.50
C ARG G 110 12.91 23.38 12.77
N ASP G 111 13.91 23.48 11.89
CA ASP G 111 15.03 24.40 12.06
C ASP G 111 14.63 25.86 11.91
N ASP G 112 13.40 26.12 11.48
CA ASP G 112 12.94 27.49 11.32
C ASP G 112 11.97 27.91 12.42
N VAL G 113 11.73 27.02 13.37
CA VAL G 113 10.83 27.31 14.48
C VAL G 113 11.60 27.39 15.80
N LEU H 2 6.50 22.67 -3.59
CA LEU H 2 7.80 23.14 -4.05
C LEU H 2 8.79 21.98 -4.09
N ALA H 3 9.50 21.86 -5.21
CA ALA H 3 10.61 20.91 -5.45
C ALA H 3 11.77 21.70 -6.10
N THR H 4 12.76 22.06 -5.30
CA THR H 4 13.78 22.97 -5.74
C THR H 4 15.14 22.29 -5.75
N ALA H 6 19.63 23.10 -6.08
CA ALA H 6 20.67 24.07 -5.85
C ALA H 6 22.02 23.35 -5.97
N ALA H 7 23.10 24.11 -6.04
CA ALA H 7 24.42 23.52 -6.15
C ALA H 7 24.84 22.83 -4.86
N ARG H 8 25.55 21.70 -4.95
CA ARG H 8 26.07 21.03 -3.76
C ARG H 8 27.29 21.72 -3.15
N SER I 8 24.53 -7.71 -9.04
CA SER I 8 23.89 -8.16 -7.81
C SER I 8 23.26 -9.52 -7.99
N ILE I 9 22.33 -9.85 -7.11
CA ILE I 9 21.85 -11.23 -7.00
C ILE I 9 20.37 -11.39 -7.33
N THR I 10 20.07 -12.43 -8.10
CA THR I 10 18.70 -12.83 -8.37
C THR I 10 18.44 -14.20 -7.77
N ALA I 11 17.19 -14.68 -7.89
CA ALA I 11 16.81 -15.95 -7.28
C ALA I 11 17.26 -17.14 -8.13
N GLY I 12 17.56 -18.26 -7.46
CA GLY I 12 18.04 -19.49 -8.09
C GLY I 12 19.55 -19.56 -8.25
N GLN I 13 20.20 -18.42 -8.06
CA GLN I 13 21.64 -18.25 -8.26
C GLN I 13 22.50 -19.02 -7.25
N LYS I 14 23.66 -19.47 -7.69
CA LYS I 14 24.65 -20.06 -6.81
C LYS I 14 25.69 -19.03 -6.38
N VAL I 15 25.88 -18.89 -5.08
CA VAL I 15 26.84 -17.93 -4.52
C VAL I 15 27.71 -18.57 -3.42
N ILE I 16 28.64 -17.79 -2.87
CA ILE I 16 29.42 -18.18 -1.69
C ILE I 16 29.04 -17.30 -0.50
N SER I 17 28.72 -17.93 0.61
CA SER I 17 28.42 -17.17 1.83
C SER I 17 28.97 -17.89 3.04
N LYS I 18 28.96 -17.21 4.18
CA LYS I 18 29.49 -17.79 5.40
C LYS I 18 28.44 -18.72 6.02
N HIS I 19 28.90 -19.91 6.45
CA HIS I 19 28.05 -20.89 7.12
C HIS I 19 27.93 -20.56 8.60
N LYS I 20 27.09 -21.33 9.28
CA LYS I 20 26.90 -21.24 10.71
C LYS I 20 28.22 -21.64 11.37
N ASN I 21 28.88 -22.58 10.69
CA ASN I 21 30.11 -23.21 11.16
C ASN I 21 31.37 -22.34 11.03
N GLY I 22 31.22 -21.21 10.34
CA GLY I 22 32.29 -20.25 10.11
C GLY I 22 32.97 -20.27 8.75
N ARG I 23 32.87 -21.38 8.03
CA ARG I 23 33.57 -21.54 6.74
C ARG I 23 32.72 -21.13 5.53
N PHE I 24 33.36 -20.81 4.41
CA PHE I 24 32.61 -20.45 3.20
C PHE I 24 32.19 -21.71 2.43
N TYR I 25 31.01 -21.68 1.83
CA TYR I 25 30.51 -22.81 1.04
C TYR I 25 29.68 -22.34 -0.13
N GLN I 26 29.62 -23.17 -1.16
CA GLN I 26 28.69 -22.93 -2.23
C GLN I 26 27.31 -23.11 -1.61
N CYS I 27 26.39 -22.22 -1.95
CA CYS I 27 25.03 -22.29 -1.45
C CYS I 27 24.16 -21.62 -2.49
N GLU I 28 22.85 -21.84 -2.46
CA GLU I 28 22.04 -21.23 -3.49
C GLU I 28 21.14 -20.11 -2.92
N VAL I 29 20.96 -19.07 -3.72
CA VAL I 29 20.07 -17.97 -3.37
C VAL I 29 18.73 -18.12 -4.05
N VAL I 30 17.71 -18.49 -3.30
CA VAL I 30 16.40 -18.55 -3.92
C VAL I 30 15.60 -17.38 -3.41
N ARG I 31 15.96 -16.95 -2.22
CA ARG I 31 15.14 -16.01 -1.50
C ARG I 31 15.70 -14.59 -1.34
N LEU I 32 15.01 -13.61 -1.93
CA LEU I 32 15.27 -12.17 -1.68
C LEU I 32 14.18 -11.36 -0.92
N THR I 33 14.41 -10.91 0.33
CA THR I 33 13.47 -9.95 1.00
C THR I 33 14.02 -8.53 1.13
N THR I 34 13.11 -7.57 1.03
CA THR I 34 13.35 -6.20 1.44
C THR I 34 12.72 -6.13 2.84
N GLU I 35 13.52 -5.90 3.86
CA GLU I 35 13.00 -5.83 5.22
C GLU I 35 13.34 -4.46 5.77
N THR I 36 12.42 -3.89 6.53
CA THR I 36 12.58 -2.53 7.02
C THR I 36 13.14 -2.53 8.43
N PHE I 37 14.31 -1.92 8.55
CA PHE I 37 14.99 -1.79 9.82
C PHE I 37 15.06 -0.30 10.20
N TYR I 38 14.95 -0.03 11.49
CA TYR I 38 15.08 1.35 11.97
C TYR I 38 16.49 1.65 12.47
N GLU I 39 16.92 2.89 12.25
CA GLU I 39 18.18 3.39 12.79
C GLU I 39 17.90 4.54 13.80
N VAL I 40 18.53 4.50 14.98
CA VAL I 40 18.36 5.55 15.98
C VAL I 40 19.72 5.99 16.60
N ASN I 41 19.80 7.25 17.02
CA ASN I 41 20.95 7.74 17.78
C ASN I 41 20.52 7.82 19.23
N PHE I 42 21.02 6.88 20.04
CA PHE I 42 20.65 6.83 21.46
C PHE I 42 21.24 8.03 22.19
N ASP I 43 20.65 8.36 23.34
CA ASP I 43 21.12 9.52 24.11
C ASP I 43 22.56 9.34 24.64
N ASP I 44 23.10 8.12 24.57
CA ASP I 44 24.45 7.84 25.08
C ASP I 44 25.61 7.98 24.07
N GLY I 45 25.32 8.45 22.87
CA GLY I 45 26.37 8.69 21.89
C GLY I 45 26.60 7.49 21.00
N SER I 46 25.93 6.39 21.31
CA SER I 46 25.96 5.19 20.49
C SER I 46 24.83 5.22 19.45
N PHE I 47 24.84 4.25 18.54
CA PHE I 47 23.79 4.15 17.53
C PHE I 47 23.53 2.69 17.14
N SER I 48 22.32 2.40 16.69
CA SER I 48 21.95 1.09 16.15
C SER I 48 21.20 1.30 14.82
N ASP I 49 21.61 0.59 13.79
CA ASP I 49 20.98 0.69 12.48
C ASP I 49 20.28 -0.64 12.15
N ASN I 50 20.11 -1.45 13.19
CA ASN I 50 19.55 -2.78 13.01
C ASN I 50 18.35 -3.04 13.92
N LEU I 51 17.55 -2.01 14.16
CA LEU I 51 16.34 -2.16 14.95
C LEU I 51 15.15 -2.60 14.11
N TYR I 52 14.29 -3.42 14.68
CA TYR I 52 13.03 -3.76 14.03
C TYR I 52 12.15 -2.53 14.17
N PRO I 53 11.20 -2.34 13.23
CA PRO I 53 10.39 -1.13 13.19
C PRO I 53 9.67 -0.80 14.49
N GLU I 54 9.32 -1.85 15.22
CA GLU I 54 8.46 -1.65 16.37
C GLU I 54 9.17 -1.41 17.70
N ASP I 55 10.50 -1.37 17.73
CA ASP I 55 11.19 -1.14 19.00
C ASP I 55 10.87 0.25 19.58
N ILE I 56 10.19 1.07 18.79
CA ILE I 56 9.71 2.36 19.24
C ILE I 56 8.40 2.22 20.04
N VAL I 57 8.46 2.46 21.35
CA VAL I 57 7.31 2.26 22.22
C VAL I 57 6.57 3.58 22.39
N SER I 58 7.18 4.67 21.92
CA SER I 58 6.58 6.00 22.02
C SER I 58 5.62 6.26 20.82
N GLN I 59 5.58 5.33 19.87
CA GLN I 59 4.57 5.34 18.82
C GLN I 59 4.43 3.98 18.16
N ASP I 60 3.27 3.72 17.58
CA ASP I 60 3.01 2.42 16.98
C ASP I 60 3.34 2.48 15.49
N CYS I 61 4.60 2.17 15.19
CA CYS I 61 5.20 2.35 13.87
C CYS I 61 4.65 1.37 12.82
N LEU I 62 4.14 0.22 13.26
CA LEU I 62 3.40 -0.68 12.36
C LEU I 62 2.10 -0.05 11.89
N GLN I 63 1.45 0.62 12.82
CA GLN I 63 0.12 1.18 12.65
C GLN I 63 0.17 2.47 11.85
N PHE I 64 1.14 3.32 12.15
CA PHE I 64 1.19 4.66 11.54
C PHE I 64 2.51 5.00 10.80
N GLY I 65 3.36 4.01 10.55
CA GLY I 65 4.61 4.27 9.85
C GLY I 65 5.72 4.79 10.75
N PRO I 66 6.89 5.10 10.16
CA PRO I 66 8.08 5.47 10.94
C PRO I 66 7.97 6.84 11.61
N PRO I 67 8.69 7.01 12.72
CA PRO I 67 8.78 8.37 13.27
C PRO I 67 9.44 9.32 12.27
N ALA I 68 9.23 10.61 12.44
CA ALA I 68 9.90 11.61 11.63
C ALA I 68 11.40 11.63 11.93
N GLU I 69 12.21 12.02 10.95
CA GLU I 69 13.65 12.11 11.10
C GLU I 69 14.04 13.12 12.18
N GLY I 70 14.89 12.68 13.11
CA GLY I 70 15.33 13.51 14.21
C GLY I 70 14.34 13.59 15.37
N GLU I 71 13.26 12.82 15.32
CA GLU I 71 12.24 12.83 16.37
C GLU I 71 12.69 12.10 17.62
N VAL I 72 12.35 12.65 18.76
CA VAL I 72 12.63 12.00 20.03
C VAL I 72 11.78 10.71 20.14
N VAL I 73 12.44 9.58 20.32
CA VAL I 73 11.75 8.30 20.43
C VAL I 73 12.26 7.54 21.66
N GLN I 74 11.43 6.66 22.21
CA GLN I 74 11.90 5.74 23.27
C GLN I 74 11.94 4.30 22.72
N VAL I 75 13.08 3.63 22.90
CA VAL I 75 13.26 2.28 22.36
C VAL I 75 13.67 1.26 23.43
N TRP I 77 15.73 -1.15 24.19
CA TRP I 77 16.95 -1.83 23.78
C TRP I 77 16.94 -3.26 24.31
N THR I 78 18.13 -3.85 24.41
CA THR I 78 18.30 -5.25 24.76
C THR I 78 18.21 -5.60 26.24
N ASP I 79 18.12 -4.60 27.11
CA ASP I 79 18.08 -4.88 28.54
C ASP I 79 16.74 -4.71 29.24
N GLY I 80 15.65 -4.76 28.48
CA GLY I 80 14.31 -4.66 29.05
C GLY I 80 13.94 -3.23 29.29
N GLN I 81 14.99 -2.43 29.45
CA GLN I 81 14.89 -1.07 29.87
C GLN I 81 14.75 -0.22 28.61
N VAL I 82 13.92 0.80 28.71
CA VAL I 82 13.68 1.70 27.61
C VAL I 82 14.75 2.80 27.61
N TYR I 83 15.32 3.07 26.44
CA TYR I 83 16.29 4.14 26.30
C TYR I 83 15.76 5.21 25.39
N GLY I 84 16.18 6.44 25.67
CA GLY I 84 15.82 7.57 24.84
C GLY I 84 16.74 7.60 23.66
N ALA I 85 16.20 8.06 22.53
CA ALA I 85 16.98 8.13 21.31
C ALA I 85 16.37 9.16 20.36
N LYS I 86 17.06 9.41 19.26
CA LYS I 86 16.49 10.19 18.19
C LYS I 86 16.43 9.32 16.97
N PHE I 87 15.31 9.31 16.27
CA PHE I 87 15.17 8.50 15.08
C PHE I 87 16.07 9.09 13.99
N VAL I 88 16.76 8.22 13.27
CA VAL I 88 17.67 8.62 12.20
C VAL I 88 17.09 8.34 10.80
N ALA I 89 16.70 7.10 10.53
CA ALA I 89 16.24 6.67 9.20
C ALA I 89 15.62 5.28 9.22
N SER I 90 14.75 5.02 8.24
CA SER I 90 14.31 3.65 7.97
C SER I 90 15.12 3.06 6.80
N HIS I 91 15.60 1.84 6.97
CA HIS I 91 16.33 1.16 5.89
C HIS I 91 15.62 -0.06 5.37
N PRO I 92 15.01 0.09 4.19
CA PRO I 92 14.54 -1.07 3.43
C PRO I 92 15.77 -1.78 2.83
N ILE I 93 16.10 -2.97 3.35
CA ILE I 93 17.38 -3.64 3.07
C ILE I 93 17.21 -4.96 2.34
N GLN I 94 18.03 -5.17 1.32
CA GLN I 94 18.01 -6.42 0.55
C GLN I 94 18.62 -7.57 1.37
N MET I 95 17.76 -8.54 1.66
CA MET I 95 18.13 -9.77 2.35
C MET I 95 18.13 -10.99 1.44
N TYR I 96 18.99 -11.94 1.78
CA TYR I 96 19.09 -13.20 1.04
C TYR I 96 19.00 -14.39 2.00
N GLN I 97 18.02 -15.26 1.81
CA GLN I 97 17.97 -16.51 2.55
C GLN I 97 18.83 -17.51 1.77
N VAL I 98 19.98 -17.89 2.30
CA VAL I 98 20.87 -18.77 1.54
C VAL I 98 20.96 -20.14 2.18
N GLU I 99 20.94 -21.16 1.34
CA GLU I 99 20.89 -22.52 1.82
C GLU I 99 22.13 -23.35 1.43
N PHE I 100 22.74 -23.98 2.42
CA PHE I 100 23.94 -24.82 2.25
C PHE I 100 23.57 -26.29 2.10
N GLU I 101 24.47 -27.04 1.48
CA GLU I 101 24.31 -28.43 1.09
C GLU I 101 23.70 -29.39 2.11
N ASP I 102 23.88 -29.06 3.40
CA ASP I 102 23.41 -30.00 4.45
C ASP I 102 22.04 -29.85 5.07
N GLY I 103 21.27 -28.81 4.74
CA GLY I 103 19.97 -28.65 5.38
C GLY I 103 19.90 -27.52 6.38
N SER I 104 20.86 -26.61 6.25
CA SER I 104 20.91 -25.44 7.10
C SER I 104 20.87 -24.14 6.27
N GLN I 105 19.90 -23.30 6.57
CA GLN I 105 19.72 -22.07 5.81
C GLN I 105 20.05 -20.88 6.70
N LEU I 106 20.64 -19.86 6.09
CA LEU I 106 20.84 -18.61 6.80
C LEU I 106 20.10 -17.54 6.06
N VAL I 107 19.82 -16.45 6.74
CA VAL I 107 19.26 -15.29 6.09
C VAL I 107 20.27 -14.15 6.21
N VAL I 108 20.81 -13.71 5.07
CA VAL I 108 21.94 -12.77 5.09
C VAL I 108 21.67 -11.56 4.19
N LYS I 109 22.46 -10.51 4.35
CA LYS I 109 22.36 -9.29 3.53
C LYS I 109 23.42 -9.36 2.44
N ARG I 110 23.37 -8.41 1.51
CA ARG I 110 24.25 -8.38 0.34
C ARG I 110 25.74 -8.54 0.69
N ASP I 111 26.20 -7.90 1.76
CA ASP I 111 27.61 -7.88 2.12
C ASP I 111 28.16 -9.24 2.59
N ASP I 112 27.27 -10.20 2.83
CA ASP I 112 27.68 -11.50 3.34
C ASP I 112 27.59 -12.56 2.23
N VAL I 113 27.14 -12.14 1.05
CA VAL I 113 27.02 -13.00 -0.13
C VAL I 113 27.99 -12.58 -1.24
N TYR I 114 28.67 -13.56 -1.85
CA TYR I 114 29.72 -13.26 -2.82
C TYR I 114 29.47 -13.92 -4.18
N THR I 115 29.71 -13.15 -5.23
CA THR I 115 29.44 -13.58 -6.60
C THR I 115 30.57 -14.43 -7.19
N SER J 8 -4.32 -9.39 25.18
CA SER J 8 -3.07 -9.47 24.44
C SER J 8 -2.11 -8.39 24.88
N ILE J 9 -1.13 -8.10 24.02
CA ILE J 9 0.00 -7.31 24.44
C ILE J 9 0.15 -5.98 23.68
N THR J 10 0.43 -4.92 24.43
CA THR J 10 0.77 -3.62 23.86
C THR J 10 2.22 -3.28 24.21
N ALA J 11 2.73 -2.16 23.70
CA ALA J 11 4.12 -1.79 23.92
C ALA J 11 4.31 -1.15 25.30
N GLY J 12 5.51 -1.32 25.86
CA GLY J 12 5.86 -0.81 27.19
C GLY J 12 5.52 -1.76 28.32
N GLN J 13 4.73 -2.77 27.99
CA GLN J 13 4.23 -3.75 28.95
C GLN J 13 5.33 -4.65 29.50
N LYS J 14 5.18 -5.07 30.75
CA LYS J 14 6.05 -6.06 31.35
C LYS J 14 5.45 -7.45 31.25
N VAL J 15 6.23 -8.38 30.69
CA VAL J 15 5.77 -9.76 30.52
C VAL J 15 6.84 -10.79 30.97
N ILE J 16 6.50 -12.08 30.90
CA ILE J 16 7.47 -13.16 31.07
C ILE J 16 7.63 -13.97 29.80
N SER J 17 8.87 -14.15 29.39
CA SER J 17 9.19 -14.95 28.21
C SER J 17 10.45 -15.75 28.45
N LYS J 18 10.73 -16.67 27.54
CA LYS J 18 11.88 -17.54 27.68
C LYS J 18 13.13 -16.81 27.19
N HIS J 19 14.20 -16.88 27.98
CA HIS J 19 15.50 -16.32 27.62
C HIS J 19 16.19 -17.34 26.71
N LYS J 20 17.34 -16.94 26.13
CA LYS J 20 18.20 -17.80 25.33
C LYS J 20 18.76 -18.88 26.24
N ASN J 21 18.92 -18.48 27.51
CA ASN J 21 19.55 -19.31 28.53
C ASN J 21 18.67 -20.46 29.04
N GLY J 22 17.42 -20.42 28.61
CA GLY J 22 16.42 -21.43 28.92
C GLY J 22 15.39 -21.13 30.01
N ARG J 23 15.71 -20.19 30.89
CA ARG J 23 14.85 -19.88 32.03
C ARG J 23 13.89 -18.72 31.74
N PHE J 24 12.79 -18.63 32.49
CA PHE J 24 11.86 -17.51 32.33
C PHE J 24 12.30 -16.29 33.14
N TYR J 25 12.06 -15.10 32.61
CA TYR J 25 12.44 -13.86 33.29
C TYR J 25 11.44 -12.76 33.01
N GLN J 26 11.36 -11.81 33.93
CA GLN J 26 10.61 -10.60 33.67
C GLN J 26 11.32 -9.91 32.53
N CYS J 27 10.56 -9.39 31.59
CA CYS J 27 11.12 -8.67 30.47
C CYS J 27 10.05 -7.69 30.00
N GLU J 28 10.46 -6.70 29.23
CA GLU J 28 9.52 -5.67 28.79
C GLU J 28 9.26 -5.82 27.29
N VAL J 29 8.11 -5.31 26.85
CA VAL J 29 7.75 -5.33 25.43
C VAL J 29 8.23 -4.06 24.76
N VAL J 30 9.19 -4.20 23.86
CA VAL J 30 9.67 -3.02 23.17
C VAL J 30 9.04 -2.93 21.79
N ARG J 31 8.68 -4.05 21.19
CA ARG J 31 8.20 -4.03 19.81
C ARG J 31 7.01 -4.92 19.45
N LEU J 32 6.01 -4.36 18.76
CA LEU J 32 5.02 -5.21 18.09
C LEU J 32 5.24 -5.13 16.56
N THR J 33 5.80 -6.17 15.92
CA THR J 33 5.85 -6.18 14.44
C THR J 33 4.91 -7.23 13.85
N THR J 34 4.31 -6.90 12.71
CA THR J 34 3.55 -7.86 11.92
C THR J 34 4.52 -8.35 10.83
N GLU J 35 4.82 -9.63 10.86
CA GLU J 35 5.80 -10.15 9.95
C GLU J 35 5.13 -11.22 9.07
N THR J 36 5.43 -11.22 7.78
CA THR J 36 4.74 -12.10 6.84
C THR J 36 5.55 -13.35 6.53
N PHE J 37 4.96 -14.49 6.88
CA PHE J 37 5.59 -15.77 6.65
C PHE J 37 4.77 -16.59 5.64
N TYR J 38 5.45 -17.36 4.82
CA TYR J 38 4.76 -18.25 3.90
C TYR J 38 4.67 -19.68 4.44
N GLU J 39 3.55 -20.33 4.12
CA GLU J 39 3.36 -21.74 4.43
C GLU J 39 3.25 -22.55 3.11
N VAL J 40 3.96 -23.68 3.04
CA VAL J 40 3.91 -24.54 1.85
C VAL J 40 3.81 -26.04 2.20
N ASN J 41 3.14 -26.81 1.34
CA ASN J 41 3.12 -28.27 1.47
C ASN J 41 4.10 -28.83 0.48
N PHE J 42 5.23 -29.31 0.99
CA PHE J 42 6.30 -29.84 0.14
C PHE J 42 5.85 -31.15 -0.49
N ASP J 43 6.46 -31.52 -1.60
CA ASP J 43 6.09 -32.77 -2.29
C ASP J 43 6.39 -34.02 -1.45
N ASP J 44 7.13 -33.88 -0.34
CA ASP J 44 7.50 -35.04 0.50
C ASP J 44 6.53 -35.36 1.65
N GLY J 45 5.40 -34.66 1.72
CA GLY J 45 4.41 -34.96 2.74
C GLY J 45 4.61 -34.14 3.99
N SER J 46 5.70 -33.40 4.00
CA SER J 46 6.01 -32.48 5.09
C SER J 46 5.43 -31.09 4.80
N PHE J 47 5.51 -30.20 5.79
CA PHE J 47 5.06 -28.82 5.61
C PHE J 47 5.93 -27.86 6.44
N SER J 48 6.01 -26.61 5.98
CA SER J 48 6.67 -25.55 6.73
C SER J 48 5.74 -24.32 6.73
N ASP J 49 5.51 -23.75 7.90
CA ASP J 49 4.66 -22.58 8.00
C ASP J 49 5.50 -21.39 8.44
N ASN J 50 6.81 -21.54 8.32
CA ASN J 50 7.73 -20.50 8.77
C ASN J 50 8.71 -20.07 7.70
N LEU J 51 8.27 -20.07 6.45
CA LEU J 51 9.11 -19.57 5.38
C LEU J 51 8.97 -18.08 5.22
N TYR J 52 10.08 -17.44 4.90
CA TYR J 52 10.04 -16.05 4.55
C TYR J 52 9.45 -16.03 3.15
N PRO J 53 8.78 -14.93 2.77
CA PRO J 53 8.05 -14.80 1.51
C PRO J 53 8.82 -15.14 0.22
N GLU J 54 10.11 -14.89 0.26
CA GLU J 54 10.94 -14.91 -0.91
C GLU J 54 11.63 -16.22 -1.28
N ASP J 55 11.46 -17.26 -0.47
CA ASP J 55 12.06 -18.55 -0.79
C ASP J 55 11.41 -19.21 -2.02
N ILE J 56 10.34 -18.60 -2.52
CA ILE J 56 9.71 -19.05 -3.75
C ILE J 56 10.50 -18.57 -4.96
N VAL J 57 11.11 -19.50 -5.70
CA VAL J 57 12.00 -19.15 -6.80
C VAL J 57 11.24 -19.14 -8.11
N SER J 58 10.02 -19.67 -8.09
CA SER J 58 9.19 -19.73 -9.29
C SER J 58 8.43 -18.39 -9.49
N GLN J 59 8.55 -17.50 -8.51
CA GLN J 59 8.04 -16.13 -8.66
C GLN J 59 8.66 -15.16 -7.65
N ASP J 60 8.67 -13.89 -8.02
CA ASP J 60 9.27 -12.87 -7.16
C ASP J 60 8.19 -12.28 -6.28
N CYS J 61 8.01 -12.90 -5.12
CA CYS J 61 6.90 -12.63 -4.22
C CYS J 61 6.98 -11.24 -3.57
N LEU J 62 8.19 -10.70 -3.45
CA LEU J 62 8.36 -9.31 -3.03
C LEU J 62 7.81 -8.34 -4.06
N GLN J 63 8.03 -8.70 -5.32
CA GLN J 63 7.72 -7.87 -6.46
C GLN J 63 6.24 -7.90 -6.78
N PHE J 64 5.65 -9.10 -6.75
CA PHE J 64 4.26 -9.28 -7.18
C PHE J 64 3.32 -9.92 -6.15
N GLY J 65 3.76 -10.03 -4.89
CA GLY J 65 2.91 -10.62 -3.87
C GLY J 65 2.94 -12.14 -3.84
N PRO J 66 2.12 -12.75 -2.96
CA PRO J 66 2.18 -14.19 -2.73
C PRO J 66 1.66 -15.03 -3.90
N PRO J 67 2.15 -16.27 -4.02
CA PRO J 67 1.54 -17.18 -5.00
C PRO J 67 0.07 -17.43 -4.64
N ALA J 68 -0.70 -17.88 -5.62
CA ALA J 68 -2.09 -18.27 -5.36
C ALA J 68 -2.14 -19.53 -4.49
N GLU J 69 -3.21 -19.68 -3.73
CA GLU J 69 -3.40 -20.84 -2.86
C GLU J 69 -3.47 -22.13 -3.67
N GLY J 70 -2.65 -23.10 -3.28
CA GLY J 70 -2.57 -24.38 -3.96
C GLY J 70 -1.69 -24.38 -5.21
N GLU J 71 -1.00 -23.27 -5.47
CA GLU J 71 -0.13 -23.15 -6.66
C GLU J 71 1.17 -23.92 -6.49
N VAL J 72 1.60 -24.56 -7.57
CA VAL J 72 2.88 -25.24 -7.60
C VAL J 72 4.01 -24.20 -7.47
N VAL J 73 4.85 -24.36 -6.46
CA VAL J 73 5.96 -23.43 -6.23
C VAL J 73 7.24 -24.21 -6.04
N GLN J 74 8.37 -23.58 -6.35
CA GLN J 74 9.65 -24.18 -5.99
C GLN J 74 10.26 -23.34 -4.86
N VAL J 75 10.63 -24.00 -3.77
CA VAL J 75 11.17 -23.31 -2.60
C VAL J 75 12.52 -23.89 -2.19
N ARG J 76 13.53 -23.04 -2.05
CA ARG J 76 14.81 -23.49 -1.51
C ARG J 76 14.72 -23.64 -0.02
N TRP J 77 14.91 -24.87 0.44
CA TRP J 77 14.82 -25.17 1.85
C TRP J 77 16.17 -24.83 2.42
N THR J 78 16.50 -25.43 3.54
CA THR J 78 17.71 -25.12 4.23
C THR J 78 18.93 -25.88 3.63
N ASP J 79 18.71 -26.73 2.64
CA ASP J 79 19.83 -27.52 2.08
C ASP J 79 20.41 -27.11 0.72
N GLY J 80 20.19 -25.87 0.30
CA GLY J 80 20.74 -25.35 -0.94
C GLY J 80 19.93 -25.76 -2.13
N GLN J 81 19.27 -26.89 -1.95
CA GLN J 81 18.57 -27.56 -3.02
C GLN J 81 17.14 -27.04 -3.02
N VAL J 82 16.61 -26.85 -4.21
CA VAL J 82 15.26 -26.36 -4.37
C VAL J 82 14.29 -27.55 -4.31
N TYR J 83 13.21 -27.39 -3.57
CA TYR J 83 12.18 -28.43 -3.47
C TYR J 83 10.87 -27.95 -4.06
N GLY J 84 10.11 -28.89 -4.61
CA GLY J 84 8.80 -28.60 -5.13
C GLY J 84 7.80 -28.59 -4.01
N ALA J 85 6.80 -27.72 -4.13
CA ALA J 85 5.77 -27.62 -3.11
C ALA J 85 4.50 -26.99 -3.65
N LYS J 86 3.48 -26.96 -2.82
CA LYS J 86 2.29 -26.23 -3.13
C LYS J 86 2.12 -25.16 -2.08
N PHE J 87 1.85 -23.93 -2.52
CA PHE J 87 1.67 -22.83 -1.60
C PHE J 87 0.36 -23.07 -0.82
N VAL J 88 0.41 -22.82 0.48
CA VAL J 88 -0.75 -23.02 1.36
C VAL J 88 -1.39 -21.70 1.77
N ALA J 89 -0.60 -20.79 2.36
CA ALA J 89 -1.12 -19.53 2.92
C ALA J 89 0.00 -18.58 3.31
N SER J 90 -0.31 -17.29 3.29
CA SER J 90 0.55 -16.29 3.92
C SER J 90 0.02 -15.95 5.31
N HIS J 91 0.91 -15.94 6.30
CA HIS J 91 0.52 -15.57 7.66
C HIS J 91 1.18 -14.29 8.11
N PRO J 92 0.39 -13.21 8.16
CA PRO J 92 0.79 -11.99 8.84
C PRO J 92 0.73 -12.23 10.35
N ILE J 93 1.89 -12.30 11.01
CA ILE J 93 2.01 -12.79 12.38
C ILE J 93 2.51 -11.68 13.32
N GLN J 94 1.89 -11.58 14.48
CA GLN J 94 2.28 -10.60 15.49
C GLN J 94 3.60 -11.00 16.16
N MET J 95 4.64 -10.19 15.93
CA MET J 95 5.94 -10.47 16.53
C MET J 95 6.20 -9.52 17.69
N TYR J 96 6.94 -10.03 18.68
CA TYR J 96 7.30 -9.26 19.86
C TYR J 96 8.82 -9.33 20.09
N GLN J 97 9.49 -8.18 20.07
CA GLN J 97 10.89 -8.13 20.48
C GLN J 97 10.92 -7.94 21.99
N VAL J 98 11.37 -8.95 22.74
CA VAL J 98 11.33 -8.82 24.20
C VAL J 98 12.75 -8.71 24.74
N GLU J 99 12.91 -7.82 25.72
CA GLU J 99 14.23 -7.50 26.24
C GLU J 99 14.37 -7.86 27.72
N PHE J 100 15.43 -8.60 28.04
CA PHE J 100 15.69 -9.03 29.41
C PHE J 100 16.66 -8.11 30.14
N GLU J 101 16.55 -8.08 31.46
CA GLU J 101 17.31 -7.20 32.34
C GLU J 101 18.83 -7.03 32.10
N ASP J 102 19.48 -8.05 31.58
CA ASP J 102 20.94 -8.02 31.43
C ASP J 102 21.51 -7.48 30.11
N GLY J 103 20.65 -7.09 29.17
CA GLY J 103 21.11 -6.59 27.88
C GLY J 103 21.01 -7.53 26.67
N SER J 104 19.90 -8.26 26.55
CA SER J 104 19.71 -9.23 25.47
C SER J 104 18.24 -9.30 24.97
N GLN J 105 18.06 -9.22 23.65
CA GLN J 105 16.73 -9.19 23.03
C GLN J 105 16.41 -10.47 22.29
N LEU J 106 15.15 -10.87 22.39
CA LEU J 106 14.67 -11.93 21.53
C LEU J 106 13.54 -11.32 20.75
N VAL J 107 13.24 -11.90 19.60
CA VAL J 107 12.06 -11.49 18.87
C VAL J 107 11.15 -12.72 18.87
N VAL J 108 10.03 -12.63 19.56
CA VAL J 108 9.22 -13.82 19.82
C VAL J 108 7.78 -13.59 19.39
N LYS J 109 7.02 -14.68 19.29
CA LYS J 109 5.61 -14.64 18.91
C LYS J 109 4.77 -14.71 20.18
N ARG J 110 3.46 -14.49 20.01
CA ARG J 110 2.51 -14.43 21.11
C ARG J 110 2.61 -15.61 22.08
N ASP J 111 2.76 -16.83 21.56
CA ASP J 111 2.76 -18.03 22.40
C ASP J 111 4.00 -18.18 23.29
N ASP J 112 5.01 -17.33 23.07
CA ASP J 112 6.26 -17.43 23.83
C ASP J 112 6.33 -16.31 24.89
N VAL J 113 5.30 -15.46 24.88
CA VAL J 113 5.14 -14.35 25.84
C VAL J 113 3.92 -14.57 26.77
N TYR J 114 4.10 -14.33 28.06
CA TYR J 114 3.07 -14.64 29.05
C TYR J 114 2.65 -13.42 29.86
N THR J 115 1.35 -13.26 30.05
CA THR J 115 0.77 -12.10 30.73
C THR J 115 0.80 -12.24 32.25
#